data_8CQX
#
_entry.id   8CQX
#
_cell.length_a   44.307
_cell.length_b   155.608
_cell.length_c   82.915
_cell.angle_alpha   90.00
_cell.angle_beta   96.37
_cell.angle_gamma   90.00
#
_symmetry.space_group_name_H-M   'P 1 21 1'
#
loop_
_entity.id
_entity.type
_entity.pdbx_description
1 polymer Ribokinase
2 non-polymer "ADENOSINE-5'-DIPHOSPHATE"
3 non-polymer 'MAGNESIUM ION'
4 water water
#
_entity_poly.entity_id   1
_entity_poly.type   'polypeptide(L)'
_entity_poly.pdbx_seq_one_letter_code
;MILVVGSLNMDLVLRVKRLPRPGETVLGEDYQTHPGGKGANQAVAIARLGGKVRMLGRVGEDPFGQALKSGLAQEGVDVA
WVLETPGPSGTGFILVDPEGQNQIAVAPGANARLVPEDLPATAFQGVGVVLLQLEIPLETVVRAAALGRKAGARILLNAA
PAHALPSEILQSVDLLLVNEVEAAQLTEASPPRTPEEALALARQLRGRAPQAQVVLTLGAQGAVWSGTEESHFPAFPVRA
VDTTAAGDAFAGALALGLAEGQNMRAALRFANAAGALATTRPGAQPSLPFRDEVEALLFG
;
_entity_poly.pdbx_strand_id   A,B,C,D
#
loop_
_chem_comp.id
_chem_comp.type
_chem_comp.name
_chem_comp.formula
ADP non-polymer ADENOSINE-5'-DIPHOSPHATE 'C10 H15 N5 O10 P2'
MG non-polymer 'MAGNESIUM ION' 'Mg 2'
#
# COMPACT_ATOMS: atom_id res chain seq x y z
N MET A 1 2.03 -11.31 -10.32
CA MET A 1 1.17 -10.77 -11.45
C MET A 1 1.27 -9.24 -11.47
N ILE A 2 1.45 -8.68 -12.66
CA ILE A 2 1.65 -7.22 -12.89
C ILE A 2 0.61 -6.71 -13.88
N LEU A 3 -0.05 -5.59 -13.55
CA LEU A 3 -0.85 -4.76 -14.47
C LEU A 3 -0.02 -3.56 -14.89
N VAL A 4 0.15 -3.38 -16.20
CA VAL A 4 0.74 -2.16 -16.82
C VAL A 4 -0.45 -1.38 -17.32
N VAL A 5 -0.59 -0.17 -16.81
CA VAL A 5 -1.57 0.82 -17.32
C VAL A 5 -0.74 1.89 -18.02
N GLY A 6 -0.85 2.00 -19.34
CA GLY A 6 -0.04 2.92 -20.12
C GLY A 6 -0.27 2.79 -21.61
N SER A 7 0.76 3.19 -22.37
CA SER A 7 0.71 3.58 -23.79
C SER A 7 1.09 2.40 -24.67
N LEU A 8 0.44 2.30 -25.84
CA LEU A 8 0.88 1.47 -26.98
C LEU A 8 1.05 2.41 -28.18
N ASN A 9 2.24 2.40 -28.79
CA ASN A 9 2.63 3.20 -29.99
C ASN A 9 3.33 2.31 -31.03
N MET A 10 3.08 2.54 -32.32
CA MET A 10 3.94 2.04 -33.44
C MET A 10 5.11 3.02 -33.61
N ASP A 11 6.33 2.55 -33.34
CA ASP A 11 7.60 3.27 -33.61
C ASP A 11 7.83 3.28 -35.13
N LEU A 12 8.00 4.47 -35.69
CA LEU A 12 8.53 4.67 -37.04
C LEU A 12 9.97 5.14 -36.87
N VAL A 13 10.94 4.32 -37.28
CA VAL A 13 12.40 4.57 -37.13
C VAL A 13 12.99 4.90 -38.50
N LEU A 14 13.33 6.17 -38.72
CA LEU A 14 14.02 6.66 -39.97
C LEU A 14 15.53 6.70 -39.72
N ARG A 15 16.29 6.00 -40.57
CA ARG A 15 17.78 5.87 -40.50
C ARG A 15 18.42 6.89 -41.45
N VAL A 16 18.90 8.01 -40.89
CA VAL A 16 19.38 9.21 -41.63
C VAL A 16 20.88 9.37 -41.39
N LYS A 17 21.52 10.33 -42.06
CA LYS A 17 22.93 10.74 -41.83
C LYS A 17 22.98 11.68 -40.62
N ARG A 18 22.31 12.83 -40.72
CA ARG A 18 22.37 13.95 -39.73
C ARG A 18 20.94 14.37 -39.32
N LEU A 19 20.83 15.04 -38.17
CA LEU A 19 19.58 15.59 -37.59
C LEU A 19 19.44 17.06 -38.03
N PRO A 20 18.23 17.51 -38.44
CA PRO A 20 18.07 18.81 -39.09
C PRO A 20 17.96 20.04 -38.18
N ARG A 21 17.71 21.20 -38.79
CA ARG A 21 17.40 22.50 -38.14
C ARG A 21 16.36 23.19 -39.04
N PRO A 22 15.98 24.47 -38.79
CA PRO A 22 14.95 25.15 -39.60
C PRO A 22 15.13 25.23 -41.13
N GLY A 23 14.01 25.22 -41.87
CA GLY A 23 13.92 25.42 -43.33
C GLY A 23 14.89 24.54 -44.11
N GLU A 24 15.10 23.29 -43.67
CA GLU A 24 16.11 22.34 -44.22
C GLU A 24 15.59 20.88 -44.11
N THR A 25 14.80 20.47 -45.11
CA THR A 25 14.36 19.06 -45.37
C THR A 25 15.62 18.18 -45.44
N VAL A 26 15.67 17.07 -44.71
CA VAL A 26 16.82 16.11 -44.60
C VAL A 26 16.39 14.71 -45.08
N LEU A 27 17.26 13.96 -45.78
CA LEU A 27 16.91 12.74 -46.59
C LEU A 27 17.40 11.45 -45.92
N GLY A 28 16.48 10.65 -45.38
CA GLY A 28 16.76 9.31 -44.79
C GLY A 28 16.79 8.19 -45.82
N GLU A 29 16.75 6.93 -45.34
CA GLU A 29 16.84 5.67 -46.14
C GLU A 29 15.45 5.09 -46.42
N ASP A 30 14.69 4.76 -45.36
CA ASP A 30 13.31 4.19 -45.42
C ASP A 30 12.87 3.86 -43.98
N TYR A 31 11.73 4.39 -43.54
CA TYR A 31 11.19 4.15 -42.18
C TYR A 31 10.89 2.65 -42.02
N GLN A 32 10.89 2.17 -40.79
CA GLN A 32 10.77 0.74 -40.43
C GLN A 32 9.82 0.63 -39.22
N THR A 33 8.57 0.21 -39.47
CA THR A 33 7.53 0.05 -38.42
C THR A 33 8.03 -0.92 -37.34
N HIS A 34 8.10 -0.49 -36.07
CA HIS A 34 8.46 -1.30 -34.87
C HIS A 34 7.50 -1.06 -33.69
N PRO A 35 7.04 -2.10 -32.96
CA PRO A 35 6.06 -1.91 -31.89
C PRO A 35 6.79 -1.26 -30.70
N GLY A 36 6.12 -0.32 -30.03
CA GLY A 36 6.73 0.49 -28.96
C GLY A 36 5.71 1.04 -28.00
N GLY A 37 6.01 2.21 -27.42
CA GLY A 37 5.33 2.81 -26.26
C GLY A 37 5.87 2.31 -24.95
N LYS A 38 6.04 3.22 -23.98
CA LYS A 38 6.65 2.87 -22.68
C LYS A 38 5.85 1.75 -22.00
N GLY A 39 4.51 1.76 -22.08
CA GLY A 39 3.63 0.79 -21.39
C GLY A 39 3.74 -0.61 -21.99
N ALA A 40 3.53 -0.73 -23.29
CA ALA A 40 3.71 -2.00 -24.02
C ALA A 40 5.18 -2.47 -23.89
N ASN A 41 6.15 -1.57 -23.94
CA ASN A 41 7.57 -1.97 -23.81
C ASN A 41 7.75 -2.62 -22.45
N GLN A 42 7.23 -1.98 -21.40
CA GLN A 42 7.46 -2.45 -20.03
C GLN A 42 6.76 -3.79 -19.87
N ALA A 43 5.54 -3.92 -20.40
CA ALA A 43 4.77 -5.18 -20.33
C ALA A 43 5.55 -6.30 -21.01
N VAL A 44 6.03 -6.08 -22.24
CA VAL A 44 6.90 -7.03 -23.00
C VAL A 44 8.16 -7.32 -22.16
N ALA A 45 8.81 -6.25 -21.67
CA ALA A 45 10.00 -6.36 -20.78
C ALA A 45 9.68 -7.36 -19.65
N ILE A 46 8.54 -7.21 -18.96
CA ILE A 46 8.12 -8.15 -17.88
C ILE A 46 7.93 -9.58 -18.46
N ALA A 47 7.39 -9.75 -19.67
CA ALA A 47 6.97 -11.10 -20.12
C ALA A 47 8.24 -11.87 -20.55
N ARG A 48 9.16 -11.23 -21.23
CA ARG A 48 10.44 -11.84 -21.68
C ARG A 48 11.27 -12.33 -20.50
N LEU A 49 11.06 -11.77 -19.30
CA LEU A 49 11.81 -12.11 -18.06
C LEU A 49 11.02 -13.18 -17.29
N GLY A 50 10.00 -13.76 -17.92
CA GLY A 50 9.16 -14.85 -17.39
C GLY A 50 8.08 -14.35 -16.42
N GLY A 51 7.65 -13.08 -16.54
CA GLY A 51 6.65 -12.48 -15.64
C GLY A 51 5.23 -12.69 -16.14
N LYS A 52 4.30 -12.93 -15.23
CA LYS A 52 2.84 -12.87 -15.55
C LYS A 52 2.45 -11.39 -15.65
N VAL A 53 1.81 -10.98 -16.73
CA VAL A 53 1.57 -9.53 -16.96
C VAL A 53 0.34 -9.27 -17.84
N ARG A 54 -0.42 -8.25 -17.42
CA ARG A 54 -1.61 -7.69 -18.14
C ARG A 54 -1.33 -6.28 -18.60
N MET A 55 -1.80 -5.95 -19.81
CA MET A 55 -1.70 -4.62 -20.41
C MET A 55 -3.10 -4.03 -20.45
N LEU A 56 -3.27 -2.84 -19.86
CA LEU A 56 -4.53 -2.07 -19.90
C LEU A 56 -4.18 -0.79 -20.66
N GLY A 57 -4.77 -0.55 -21.81
CA GLY A 57 -4.35 0.55 -22.69
C GLY A 57 -5.19 0.57 -23.95
N ARG A 58 -5.02 1.63 -24.76
CA ARG A 58 -5.86 1.88 -25.96
C ARG A 58 -4.95 1.88 -27.18
N VAL A 59 -5.30 1.02 -28.16
CA VAL A 59 -4.83 1.02 -29.57
C VAL A 59 -5.98 1.52 -30.44
N GLY A 60 -5.67 2.17 -31.58
CA GLY A 60 -6.68 2.69 -32.52
C GLY A 60 -7.23 1.59 -33.41
N GLU A 61 -8.20 1.91 -34.26
CA GLU A 61 -8.88 0.92 -35.13
C GLU A 61 -7.92 0.54 -36.26
N ASP A 62 -7.11 1.50 -36.72
CA ASP A 62 -6.15 1.39 -37.85
C ASP A 62 -5.42 0.06 -37.79
N PRO A 63 -4.63 -0.29 -38.83
CA PRO A 63 -3.89 -1.56 -38.86
C PRO A 63 -2.75 -1.65 -37.82
N PHE A 64 -2.13 -0.54 -37.43
CA PHE A 64 -1.07 -0.55 -36.37
C PHE A 64 -1.71 -1.09 -35.08
N GLY A 65 -2.96 -0.74 -34.82
CA GLY A 65 -3.76 -1.16 -33.64
C GLY A 65 -3.80 -2.66 -33.45
N GLN A 66 -4.17 -3.40 -34.50
CA GLN A 66 -4.35 -4.88 -34.44
C GLN A 66 -2.99 -5.53 -34.28
N ALA A 67 -1.97 -4.94 -34.92
CA ALA A 67 -0.56 -5.40 -34.92
C ALA A 67 0.03 -5.22 -33.53
N LEU A 68 -0.30 -4.15 -32.81
CA LEU A 68 0.22 -3.89 -31.43
C LEU A 68 -0.37 -4.90 -30.45
N LYS A 69 -1.68 -5.09 -30.51
CA LYS A 69 -2.38 -6.08 -29.66
C LYS A 69 -1.80 -7.49 -29.88
N SER A 70 -1.68 -7.98 -31.12
CA SER A 70 -1.18 -9.35 -31.44
C SER A 70 0.28 -9.45 -30.99
N GLY A 71 1.09 -8.45 -31.35
CA GLY A 71 2.48 -8.33 -30.88
C GLY A 71 2.57 -8.67 -29.41
N LEU A 72 1.74 -8.01 -28.58
CA LEU A 72 1.81 -8.21 -27.10
C LEU A 72 1.35 -9.62 -26.74
N ALA A 73 0.25 -10.09 -27.35
CA ALA A 73 -0.33 -11.43 -27.12
C ALA A 73 0.74 -12.50 -27.41
N GLN A 74 1.53 -12.27 -28.47
CA GLN A 74 2.55 -13.22 -29.01
C GLN A 74 3.72 -13.32 -28.01
N GLU A 75 3.91 -12.30 -27.15
CA GLU A 75 5.01 -12.27 -26.16
C GLU A 75 4.56 -12.88 -24.82
N GLY A 76 3.29 -13.24 -24.70
CA GLY A 76 2.72 -13.72 -23.43
C GLY A 76 2.10 -12.61 -22.59
N VAL A 77 1.74 -11.48 -23.18
CA VAL A 77 1.04 -10.40 -22.41
C VAL A 77 -0.45 -10.72 -22.44
N ASP A 78 -1.14 -10.74 -21.28
CA ASP A 78 -2.61 -10.75 -21.24
C ASP A 78 -3.06 -9.43 -21.88
N VAL A 79 -3.79 -9.53 -22.99
CA VAL A 79 -4.29 -8.36 -23.77
C VAL A 79 -5.81 -8.25 -23.61
N ALA A 80 -6.41 -9.00 -22.69
CA ALA A 80 -7.87 -8.91 -22.43
C ALA A 80 -8.30 -7.45 -22.19
N TRP A 81 -7.44 -6.59 -21.59
CA TRP A 81 -7.88 -5.23 -21.19
C TRP A 81 -7.34 -4.18 -22.17
N VAL A 82 -6.87 -4.59 -23.35
CA VAL A 82 -6.42 -3.65 -24.43
C VAL A 82 -7.65 -3.26 -25.26
N LEU A 83 -7.99 -1.99 -25.27
CA LEU A 83 -9.29 -1.54 -25.84
C LEU A 83 -9.03 -0.97 -27.24
N GLU A 84 -9.89 -1.36 -28.19
CA GLU A 84 -9.95 -0.71 -29.53
C GLU A 84 -10.65 0.63 -29.38
N THR A 85 -10.27 1.61 -30.19
CA THR A 85 -10.74 3.01 -30.08
C THR A 85 -10.75 3.62 -31.48
N PRO A 86 -11.79 4.43 -31.81
CA PRO A 86 -11.78 5.17 -33.07
C PRO A 86 -10.46 5.92 -33.18
N GLY A 87 -10.02 6.14 -34.43
CA GLY A 87 -8.85 6.96 -34.76
C GLY A 87 -7.59 6.12 -34.84
N PRO A 88 -6.41 6.77 -34.90
CA PRO A 88 -5.14 6.06 -35.02
C PRO A 88 -4.48 5.69 -33.68
N SER A 89 -3.69 4.61 -33.68
CA SER A 89 -2.79 4.23 -32.58
C SER A 89 -1.85 5.41 -32.29
N GLY A 90 -1.15 5.38 -31.17
CA GLY A 90 0.00 6.27 -30.90
C GLY A 90 1.14 5.93 -31.85
N THR A 91 1.99 6.91 -32.18
CA THR A 91 3.11 6.70 -33.12
C THR A 91 4.40 7.31 -32.55
N GLY A 92 5.43 6.46 -32.42
CA GLY A 92 6.83 6.89 -32.22
C GLY A 92 7.39 7.42 -33.53
N PHE A 93 7.85 8.67 -33.52
CA PHE A 93 8.77 9.25 -34.52
C PHE A 93 10.18 9.15 -33.91
N ILE A 94 10.98 8.21 -34.40
CA ILE A 94 12.29 7.85 -33.78
C ILE A 94 13.38 8.01 -34.84
N LEU A 95 13.99 9.19 -34.95
CA LEU A 95 15.12 9.40 -35.89
C LEU A 95 16.34 8.70 -35.25
N VAL A 96 17.05 7.88 -36.04
CA VAL A 96 18.22 7.07 -35.57
C VAL A 96 19.26 6.98 -36.71
N ASP A 97 20.52 7.32 -36.39
CA ASP A 97 21.67 7.45 -37.33
C ASP A 97 22.79 6.50 -36.85
N PRO A 98 24.04 6.60 -37.37
CA PRO A 98 25.11 5.68 -36.98
C PRO A 98 25.44 5.59 -35.47
N GLU A 99 25.95 6.66 -34.83
CA GLU A 99 26.40 6.63 -33.41
C GLU A 99 25.26 6.12 -32.52
N GLY A 100 24.01 6.28 -32.98
CA GLY A 100 22.79 5.73 -32.34
C GLY A 100 21.70 6.77 -32.30
N GLN A 101 22.09 8.00 -31.87
CA GLN A 101 21.26 9.22 -31.66
C GLN A 101 19.78 8.93 -31.95
N ASN A 102 18.90 9.35 -31.05
CA ASN A 102 17.43 9.10 -31.11
C ASN A 102 16.69 10.38 -30.69
N GLN A 103 15.86 10.90 -31.58
CA GLN A 103 14.96 12.06 -31.32
C GLN A 103 13.52 11.56 -31.34
N ILE A 104 13.08 11.00 -30.20
CA ILE A 104 11.72 10.43 -30.03
C ILE A 104 10.76 11.61 -29.84
N ALA A 105 9.85 11.78 -30.80
CA ALA A 105 8.59 12.54 -30.63
C ALA A 105 7.42 11.55 -30.69
N VAL A 106 6.43 11.72 -29.80
CA VAL A 106 5.30 10.77 -29.63
C VAL A 106 3.99 11.45 -30.04
N ALA A 107 3.38 10.98 -31.12
CA ALA A 107 1.95 11.23 -31.41
C ALA A 107 1.12 10.31 -30.52
N PRO A 108 0.18 10.87 -29.72
CA PRO A 108 -0.53 10.10 -28.69
C PRO A 108 -1.60 9.14 -29.21
N GLY A 109 -2.29 9.52 -30.28
CA GLY A 109 -3.34 8.68 -30.86
C GLY A 109 -4.36 8.28 -29.80
N ALA A 110 -4.79 7.02 -29.81
CA ALA A 110 -5.77 6.44 -28.86
C ALA A 110 -5.26 6.45 -27.40
N ASN A 111 -3.95 6.59 -27.16
CA ASN A 111 -3.39 6.65 -25.79
C ASN A 111 -4.03 7.82 -25.04
N ALA A 112 -4.23 8.94 -25.73
CA ALA A 112 -4.83 10.18 -25.16
C ALA A 112 -6.31 9.98 -24.83
N ARG A 113 -6.95 8.89 -25.26
CA ARG A 113 -8.39 8.61 -25.00
C ARG A 113 -8.53 7.54 -23.91
N LEU A 114 -7.43 7.08 -23.30
CA LEU A 114 -7.54 6.16 -22.15
C LEU A 114 -8.00 6.99 -20.95
N VAL A 115 -9.27 6.88 -20.58
CA VAL A 115 -9.92 7.76 -19.56
C VAL A 115 -10.11 6.89 -18.32
N PRO A 116 -10.29 7.52 -17.13
CA PRO A 116 -10.58 6.79 -15.89
C PRO A 116 -11.67 5.70 -15.99
N GLU A 117 -12.72 5.97 -16.77
CA GLU A 117 -13.88 5.05 -17.01
C GLU A 117 -13.41 3.73 -17.62
N ASP A 118 -12.27 3.72 -18.31
CA ASP A 118 -11.72 2.54 -19.04
C ASP A 118 -10.98 1.59 -18.07
N LEU A 119 -10.76 1.95 -16.80
CA LEU A 119 -10.07 1.05 -15.83
C LEU A 119 -11.10 0.28 -15.01
N PRO A 120 -11.37 -1.01 -15.35
CA PRO A 120 -12.27 -1.89 -14.59
C PRO A 120 -11.54 -2.69 -13.50
N ALA A 121 -12.20 -2.95 -12.37
CA ALA A 121 -11.55 -3.49 -11.15
C ALA A 121 -10.89 -4.84 -11.40
N THR A 122 -11.42 -5.66 -12.30
CA THR A 122 -10.94 -7.07 -12.42
C THR A 122 -9.53 -7.10 -13.04
N ALA A 123 -9.19 -6.11 -13.89
CA ALA A 123 -7.80 -5.91 -14.42
C ALA A 123 -6.83 -5.73 -13.23
N PHE A 124 -7.32 -5.19 -12.09
CA PHE A 124 -6.52 -4.99 -10.86
C PHE A 124 -6.59 -6.19 -9.88
N GLN A 125 -7.54 -7.12 -10.01
CA GLN A 125 -7.75 -8.21 -9.03
C GLN A 125 -6.53 -9.13 -9.03
N GLY A 126 -5.95 -9.38 -7.87
CA GLY A 126 -4.82 -10.30 -7.67
C GLY A 126 -3.52 -9.76 -8.26
N VAL A 127 -3.42 -8.45 -8.49
CA VAL A 127 -2.19 -7.83 -9.06
C VAL A 127 -1.29 -7.42 -7.90
N GLY A 128 0.00 -7.79 -7.91
CA GLY A 128 0.96 -7.36 -6.87
C GLY A 128 1.56 -5.98 -7.14
N VAL A 129 1.74 -5.64 -8.41
CA VAL A 129 2.35 -4.34 -8.83
C VAL A 129 1.52 -3.77 -9.97
N VAL A 130 1.10 -2.50 -9.84
CA VAL A 130 0.58 -1.68 -10.95
C VAL A 130 1.75 -0.81 -11.40
N LEU A 131 2.08 -0.88 -12.69
CA LEU A 131 3.22 -0.18 -13.27
C LEU A 131 2.66 0.87 -14.23
N LEU A 132 2.95 2.15 -13.97
CA LEU A 132 2.40 3.31 -14.73
C LEU A 132 3.53 4.12 -15.37
N GLN A 133 3.23 4.77 -16.50
CA GLN A 133 4.08 5.86 -17.03
C GLN A 133 3.20 7.07 -17.33
N LEU A 134 3.73 8.04 -18.08
CA LEU A 134 3.09 9.37 -18.31
C LEU A 134 2.85 9.57 -19.82
N GLU A 135 2.47 8.55 -20.55
CA GLU A 135 2.05 8.67 -21.99
C GLU A 135 0.53 8.44 -22.09
N ILE A 136 -0.15 8.48 -20.96
CA ILE A 136 -1.64 8.47 -20.83
C ILE A 136 -1.98 9.70 -20.01
N PRO A 137 -3.26 10.11 -19.96
CA PRO A 137 -3.66 11.27 -19.17
C PRO A 137 -3.42 11.08 -17.66
N LEU A 138 -3.10 12.18 -17.02
CA LEU A 138 -2.81 12.32 -15.58
C LEU A 138 -4.03 11.88 -14.76
N GLU A 139 -5.25 12.19 -15.21
CA GLU A 139 -6.50 11.75 -14.54
C GLU A 139 -6.51 10.21 -14.54
N THR A 140 -5.95 9.57 -15.58
CA THR A 140 -6.01 8.09 -15.65
C THR A 140 -4.97 7.55 -14.68
N VAL A 141 -3.87 8.29 -14.45
CA VAL A 141 -2.77 7.81 -13.56
C VAL A 141 -3.34 7.79 -12.13
N VAL A 142 -3.94 8.91 -11.71
CA VAL A 142 -4.67 9.07 -10.42
C VAL A 142 -5.57 7.85 -10.18
N ARG A 143 -6.47 7.56 -11.11
CA ARG A 143 -7.54 6.51 -10.98
C ARG A 143 -6.92 5.12 -10.89
N ALA A 144 -5.89 4.88 -11.70
CA ALA A 144 -5.11 3.62 -11.74
C ALA A 144 -4.42 3.42 -10.40
N ALA A 145 -3.84 4.47 -9.80
CA ALA A 145 -3.19 4.35 -8.46
C ALA A 145 -4.27 4.03 -7.41
N ALA A 146 -5.43 4.70 -7.44
CA ALA A 146 -6.52 4.43 -6.47
C ALA A 146 -7.00 2.97 -6.61
N LEU A 147 -7.21 2.51 -7.84
CA LEU A 147 -7.71 1.13 -8.08
C LEU A 147 -6.67 0.11 -7.67
N GLY A 148 -5.38 0.36 -7.94
CA GLY A 148 -4.29 -0.54 -7.54
C GLY A 148 -4.25 -0.74 -6.04
N ARG A 149 -4.32 0.35 -5.29
N ARG A 149 -4.33 0.38 -5.31
CA ARG A 149 -4.23 0.34 -3.81
CA ARG A 149 -4.27 0.47 -3.83
C ARG A 149 -5.48 -0.32 -3.23
C ARG A 149 -5.49 -0.22 -3.19
N LYS A 150 -6.65 -0.13 -3.85
CA LYS A 150 -7.92 -0.80 -3.44
C LYS A 150 -7.75 -2.32 -3.48
N ALA A 151 -7.03 -2.80 -4.48
CA ALA A 151 -6.76 -4.22 -4.77
C ALA A 151 -5.52 -4.71 -4.03
N GLY A 152 -4.75 -3.81 -3.39
CA GLY A 152 -3.59 -4.18 -2.57
C GLY A 152 -2.29 -4.26 -3.38
N ALA A 153 -2.28 -3.63 -4.56
CA ALA A 153 -1.11 -3.68 -5.45
C ALA A 153 -0.16 -2.54 -5.06
N ARG A 154 1.14 -2.81 -5.15
CA ARG A 154 2.20 -1.77 -5.06
C ARG A 154 2.07 -0.87 -6.31
N ILE A 155 2.11 0.46 -6.15
CA ILE A 155 2.05 1.42 -7.29
C ILE A 155 3.47 1.89 -7.60
N LEU A 156 3.96 1.48 -8.75
CA LEU A 156 5.24 1.95 -9.31
C LEU A 156 4.90 2.95 -10.42
N LEU A 157 5.21 4.22 -10.19
CA LEU A 157 5.09 5.27 -11.22
C LEU A 157 6.46 5.52 -11.84
N ASN A 158 6.62 5.17 -13.12
CA ASN A 158 7.76 5.60 -13.95
C ASN A 158 7.39 6.95 -14.53
N ALA A 159 7.79 8.04 -13.88
CA ALA A 159 7.36 9.40 -14.27
C ALA A 159 8.10 9.75 -15.56
N ALA A 160 7.74 9.14 -16.70
CA ALA A 160 8.44 9.29 -18.00
C ALA A 160 7.43 9.29 -19.14
N PRO A 161 7.59 10.13 -20.19
CA PRO A 161 8.70 11.09 -20.29
C PRO A 161 8.40 12.30 -19.40
N ALA A 162 9.32 13.28 -19.34
CA ALA A 162 9.38 14.31 -18.27
C ALA A 162 8.11 15.16 -18.27
N HIS A 163 7.61 15.46 -17.08
CA HIS A 163 6.27 16.04 -16.87
C HIS A 163 6.12 16.48 -15.41
N ALA A 164 5.49 17.64 -15.19
CA ALA A 164 5.12 18.15 -13.87
C ALA A 164 4.08 17.19 -13.31
N LEU A 165 4.07 17.01 -12.00
CA LEU A 165 3.16 16.05 -11.36
C LEU A 165 2.47 16.78 -10.21
N PRO A 166 1.14 16.72 -10.11
CA PRO A 166 0.45 17.31 -8.96
C PRO A 166 0.61 16.41 -7.73
N SER A 167 0.39 16.97 -6.56
CA SER A 167 0.69 16.29 -5.28
C SER A 167 -0.27 15.10 -5.09
N GLU A 168 -1.46 15.12 -5.68
CA GLU A 168 -2.39 13.97 -5.63
C GLU A 168 -1.75 12.69 -6.21
N ILE A 169 -0.92 12.79 -7.24
CA ILE A 169 -0.26 11.59 -7.78
C ILE A 169 0.94 11.23 -6.89
N LEU A 170 1.76 12.23 -6.54
CA LEU A 170 3.05 12.02 -5.86
C LEU A 170 2.83 11.37 -4.50
N GLN A 171 1.73 11.71 -3.82
CA GLN A 171 1.39 11.19 -2.47
C GLN A 171 0.78 9.79 -2.57
N SER A 172 0.61 9.24 -3.77
CA SER A 172 -0.28 8.09 -4.07
C SER A 172 0.51 6.83 -4.40
N VAL A 173 1.81 6.98 -4.57
CA VAL A 173 2.74 6.09 -5.31
C VAL A 173 3.55 5.34 -4.24
N ASP A 174 3.79 4.03 -4.39
CA ASP A 174 4.73 3.29 -3.48
C ASP A 174 6.21 3.50 -3.91
N LEU A 175 6.47 3.54 -5.20
CA LEU A 175 7.87 3.65 -5.75
C LEU A 175 7.76 4.70 -6.80
N LEU A 176 8.63 5.71 -6.75
CA LEU A 176 8.72 6.73 -7.82
C LEU A 176 10.02 6.49 -8.58
N LEU A 177 9.90 6.23 -9.86
CA LEU A 177 11.02 5.87 -10.78
C LEU A 177 11.21 6.94 -11.84
N VAL A 178 12.42 7.50 -11.90
CA VAL A 178 12.76 8.63 -12.80
C VAL A 178 14.22 8.53 -13.27
N ASN A 179 14.48 9.07 -14.45
CA ASN A 179 15.85 9.29 -14.95
C ASN A 179 16.28 10.72 -14.54
N GLU A 180 17.48 11.14 -14.95
CA GLU A 180 18.21 12.37 -14.53
C GLU A 180 17.36 13.62 -14.79
N VAL A 181 16.73 13.66 -15.98
CA VAL A 181 16.00 14.83 -16.55
C VAL A 181 14.66 14.94 -15.84
N GLU A 182 13.95 13.82 -15.65
CA GLU A 182 12.64 13.82 -14.94
C GLU A 182 12.91 14.28 -13.51
N ALA A 183 13.94 13.76 -12.86
CA ALA A 183 14.32 14.21 -11.48
C ALA A 183 14.44 15.74 -11.43
N ALA A 184 15.30 16.29 -12.29
CA ALA A 184 15.67 17.73 -12.32
C ALA A 184 14.42 18.58 -12.57
N GLN A 185 13.52 18.11 -13.44
CA GLN A 185 12.31 18.86 -13.78
C GLN A 185 11.37 18.91 -12.56
N LEU A 186 11.25 17.81 -11.80
CA LEU A 186 10.36 17.75 -10.61
C LEU A 186 11.01 18.47 -9.43
N THR A 187 12.31 18.74 -9.46
CA THR A 187 13.00 19.35 -8.30
C THR A 187 13.48 20.76 -8.59
N GLU A 188 13.38 21.22 -9.84
CA GLU A 188 14.00 22.49 -10.33
C GLU A 188 15.46 22.47 -9.90
N ALA A 189 16.12 21.32 -9.97
CA ALA A 189 17.56 21.16 -9.67
C ALA A 189 18.31 20.94 -10.97
N SER A 190 19.65 21.05 -10.91
CA SER A 190 20.59 20.72 -12.02
C SER A 190 20.63 19.20 -12.16
N PRO A 191 20.65 18.62 -13.38
CA PRO A 191 20.75 17.18 -13.51
C PRO A 191 22.03 16.73 -12.84
N PRO A 192 22.00 15.63 -12.05
CA PRO A 192 23.16 15.23 -11.26
C PRO A 192 24.17 14.53 -12.17
N ARG A 193 25.48 14.66 -11.89
CA ARG A 193 26.59 14.03 -12.67
C ARG A 193 27.18 12.80 -11.93
N THR A 194 26.87 12.61 -10.64
CA THR A 194 27.47 11.55 -9.81
C THR A 194 26.38 10.90 -8.96
N PRO A 195 26.55 9.62 -8.57
CA PRO A 195 25.63 8.98 -7.64
C PRO A 195 25.37 9.80 -6.37
N GLU A 196 26.35 10.54 -5.91
CA GLU A 196 26.29 11.35 -4.67
C GLU A 196 25.30 12.51 -4.90
N GLU A 197 25.37 13.16 -6.06
CA GLU A 197 24.42 14.25 -6.43
C GLU A 197 23.03 13.65 -6.69
N ALA A 198 22.98 12.50 -7.36
CA ALA A 198 21.71 11.79 -7.67
C ALA A 198 21.03 11.36 -6.37
N LEU A 199 21.76 10.86 -5.39
CA LEU A 199 21.11 10.50 -4.09
C LEU A 199 20.51 11.75 -3.41
N ALA A 200 21.27 12.84 -3.34
CA ALA A 200 20.79 14.14 -2.80
C ALA A 200 19.50 14.55 -3.56
N LEU A 201 19.47 14.35 -4.88
CA LEU A 201 18.29 14.75 -5.69
C LEU A 201 17.12 13.79 -5.37
N ALA A 202 17.40 12.49 -5.26
CA ALA A 202 16.44 11.41 -4.94
C ALA A 202 15.76 11.72 -3.60
N ARG A 203 16.57 12.08 -2.62
CA ARG A 203 16.21 12.50 -1.24
C ARG A 203 15.30 13.72 -1.32
N GLN A 204 15.61 14.68 -2.19
CA GLN A 204 14.77 15.89 -2.32
C GLN A 204 13.42 15.50 -2.96
N LEU A 205 13.43 14.64 -3.98
CA LEU A 205 12.21 14.16 -4.69
C LEU A 205 11.33 13.51 -3.62
N ARG A 206 11.97 12.83 -2.69
CA ARG A 206 11.25 12.06 -1.63
C ARG A 206 10.45 13.01 -0.73
N GLY A 207 10.79 14.30 -0.70
CA GLY A 207 10.03 15.32 0.06
C GLY A 207 8.73 15.70 -0.62
N ARG A 208 8.62 15.44 -1.92
CA ARG A 208 7.34 15.60 -2.68
C ARG A 208 6.52 14.29 -2.64
N ALA A 209 7.13 13.19 -2.21
CA ALA A 209 6.57 11.83 -2.27
C ALA A 209 7.07 11.09 -1.04
N PRO A 210 6.77 11.59 0.17
CA PRO A 210 7.41 11.08 1.37
C PRO A 210 7.08 9.62 1.68
N GLN A 211 5.97 9.09 1.16
CA GLN A 211 5.56 7.69 1.40
C GLN A 211 6.27 6.77 0.40
N ALA A 212 7.02 7.31 -0.57
CA ALA A 212 7.54 6.51 -1.70
C ALA A 212 9.00 6.15 -1.48
N GLN A 213 9.38 4.98 -2.00
CA GLN A 213 10.78 4.68 -2.34
C GLN A 213 11.04 5.47 -3.62
N VAL A 214 12.13 6.25 -3.68
CA VAL A 214 12.50 7.00 -4.92
C VAL A 214 13.71 6.30 -5.57
N VAL A 215 13.60 5.93 -6.83
CA VAL A 215 14.72 5.36 -7.61
C VAL A 215 15.04 6.31 -8.75
N LEU A 216 16.32 6.67 -8.87
CA LEU A 216 16.81 7.58 -9.94
C LEU A 216 17.89 6.85 -10.76
N THR A 217 17.63 6.61 -12.06
CA THR A 217 18.56 5.89 -12.98
C THR A 217 19.58 6.89 -13.53
N LEU A 218 20.81 6.42 -13.76
CA LEU A 218 22.01 7.23 -14.15
C LEU A 218 22.70 6.72 -15.42
N GLY A 219 21.95 6.20 -16.38
CA GLY A 219 22.50 5.47 -17.53
C GLY A 219 23.71 4.62 -17.15
N ALA A 220 24.90 5.03 -17.58
CA ALA A 220 26.13 4.19 -17.52
C ALA A 220 26.71 4.27 -16.09
N GLN A 221 26.07 4.98 -15.14
CA GLN A 221 26.44 4.91 -13.69
C GLN A 221 25.40 4.12 -12.86
N GLY A 222 24.42 3.46 -13.49
CA GLY A 222 23.48 2.59 -12.78
C GLY A 222 22.24 3.32 -12.29
N ALA A 223 22.04 3.32 -10.98
CA ALA A 223 20.81 3.86 -10.34
C ALA A 223 21.11 4.18 -8.89
N VAL A 224 20.42 5.16 -8.30
CA VAL A 224 20.38 5.36 -6.83
C VAL A 224 18.96 5.12 -6.29
N TRP A 225 18.91 4.85 -4.99
CA TRP A 225 17.66 4.50 -4.25
C TRP A 225 17.65 5.29 -2.96
N SER A 226 16.63 6.14 -2.79
CA SER A 226 16.36 6.87 -1.52
C SER A 226 15.02 6.41 -0.94
N GLY A 227 15.05 5.95 0.30
CA GLY A 227 13.89 5.42 1.04
C GLY A 227 14.37 4.75 2.31
N THR A 228 14.28 3.42 2.40
CA THR A 228 14.64 2.71 3.66
C THR A 228 16.18 2.62 3.74
N GLU A 229 16.86 2.70 2.59
CA GLU A 229 18.32 2.90 2.46
C GLU A 229 18.59 4.09 1.55
N GLU A 230 19.82 4.64 1.62
CA GLU A 230 20.39 5.62 0.66
C GLU A 230 21.55 4.94 -0.09
N SER A 231 21.34 4.38 -1.28
CA SER A 231 22.40 3.52 -1.88
C SER A 231 22.52 3.68 -3.40
N HIS A 232 23.75 3.42 -3.86
CA HIS A 232 24.17 3.38 -5.28
C HIS A 232 24.20 1.92 -5.77
N PHE A 233 23.62 1.62 -6.94
CA PHE A 233 23.66 0.27 -7.58
C PHE A 233 24.39 0.39 -8.91
N PRO A 234 25.62 -0.15 -8.98
CA PRO A 234 26.48 0.01 -10.17
C PRO A 234 25.91 -0.51 -11.50
N ALA A 235 26.15 0.23 -12.57
CA ALA A 235 25.88 -0.24 -13.94
C ALA A 235 26.72 -1.50 -14.18
N PHE A 236 26.19 -2.44 -14.96
CA PHE A 236 26.95 -3.53 -15.62
C PHE A 236 27.72 -2.92 -16.79
N PRO A 237 29.04 -3.21 -16.93
CA PRO A 237 29.81 -2.74 -18.08
C PRO A 237 29.44 -3.52 -19.34
N VAL A 238 29.11 -2.85 -20.43
CA VAL A 238 28.63 -3.55 -21.66
C VAL A 238 28.93 -2.68 -22.87
N ARG A 239 28.81 -3.22 -24.08
CA ARG A 239 28.96 -2.46 -25.34
C ARG A 239 27.56 -1.95 -25.72
N ALA A 240 27.30 -0.65 -25.54
CA ALA A 240 25.97 -0.03 -25.74
C ALA A 240 25.84 0.49 -27.17
N VAL A 241 24.85 0.01 -27.92
CA VAL A 241 24.57 0.35 -29.34
C VAL A 241 23.42 1.36 -29.40
N ASP A 242 22.37 1.13 -28.62
CA ASP A 242 21.06 1.83 -28.73
C ASP A 242 20.39 1.80 -27.35
N THR A 243 20.47 2.93 -26.63
CA THR A 243 19.99 3.11 -25.24
C THR A 243 18.46 3.16 -25.24
N THR A 244 17.82 3.23 -26.40
CA THR A 244 16.34 3.14 -26.50
C THR A 244 15.81 1.90 -25.75
N ALA A 245 14.69 2.12 -25.07
CA ALA A 245 13.91 1.16 -24.27
C ALA A 245 14.71 0.72 -23.04
N ALA A 246 15.84 1.35 -22.72
CA ALA A 246 16.71 0.85 -21.62
C ALA A 246 15.96 1.11 -20.32
N GLY A 247 15.28 2.27 -20.24
CA GLY A 247 14.41 2.71 -19.14
C GLY A 247 13.26 1.75 -18.96
N ASP A 248 12.65 1.34 -20.06
CA ASP A 248 11.53 0.35 -20.06
C ASP A 248 12.01 -0.97 -19.47
N ALA A 249 13.14 -1.48 -19.95
CA ALA A 249 13.74 -2.74 -19.44
C ALA A 249 14.00 -2.56 -17.94
N PHE A 250 14.58 -1.43 -17.56
CA PHE A 250 14.83 -1.11 -16.12
C PHE A 250 13.51 -1.17 -15.33
N ALA A 251 12.48 -0.41 -15.77
CA ALA A 251 11.18 -0.30 -15.05
C ALA A 251 10.52 -1.68 -14.95
N GLY A 252 10.50 -2.44 -16.04
CA GLY A 252 9.85 -3.75 -16.08
C GLY A 252 10.50 -4.76 -15.14
N ALA A 253 11.83 -4.78 -15.11
CA ALA A 253 12.65 -5.71 -14.30
C ALA A 253 12.46 -5.40 -12.83
N LEU A 254 12.50 -4.12 -12.46
CA LEU A 254 12.26 -3.69 -11.07
C LEU A 254 10.86 -4.14 -10.68
N ALA A 255 9.86 -3.79 -11.48
CA ALA A 255 8.46 -4.21 -11.26
C ALA A 255 8.44 -5.72 -10.98
N LEU A 256 8.97 -6.52 -11.90
CA LEU A 256 8.96 -8.00 -11.80
C LEU A 256 9.74 -8.47 -10.56
N GLY A 257 10.93 -7.95 -10.30
CA GLY A 257 11.67 -8.31 -9.08
C GLY A 257 10.79 -8.18 -7.87
N LEU A 258 10.08 -7.06 -7.75
CA LEU A 258 9.25 -6.80 -6.54
C LEU A 258 8.03 -7.74 -6.57
N ALA A 259 7.38 -7.91 -7.72
CA ALA A 259 6.24 -8.86 -7.84
C ALA A 259 6.69 -10.20 -7.28
N GLU A 260 7.94 -10.58 -7.56
CA GLU A 260 8.50 -11.91 -7.20
C GLU A 260 8.87 -11.98 -5.72
N GLY A 261 8.84 -10.85 -4.99
CA GLY A 261 9.13 -10.72 -3.55
C GLY A 261 10.62 -10.52 -3.28
N GLN A 262 11.38 -10.05 -4.28
CA GLN A 262 12.78 -9.58 -4.08
C GLN A 262 12.78 -8.28 -3.25
N ASN A 263 13.78 -8.09 -2.43
CA ASN A 263 14.02 -6.79 -1.77
C ASN A 263 14.50 -5.82 -2.86
N MET A 264 14.64 -4.54 -2.51
CA MET A 264 15.06 -3.49 -3.46
C MET A 264 16.50 -3.70 -3.88
N ARG A 265 17.39 -4.18 -3.00
CA ARG A 265 18.83 -4.35 -3.36
C ARG A 265 18.92 -5.35 -4.52
N ALA A 266 18.16 -6.43 -4.44
CA ALA A 266 18.14 -7.50 -5.45
C ALA A 266 17.46 -7.00 -6.73
N ALA A 267 16.30 -6.34 -6.62
CA ALA A 267 15.46 -5.97 -7.78
C ALA A 267 16.17 -4.85 -8.57
N LEU A 268 16.85 -3.93 -7.88
CA LEU A 268 17.59 -2.82 -8.53
C LEU A 268 18.76 -3.39 -9.32
N ARG A 269 19.50 -4.35 -8.76
CA ARG A 269 20.64 -5.00 -9.46
C ARG A 269 20.08 -5.72 -10.68
N PHE A 270 18.96 -6.40 -10.47
CA PHE A 270 18.18 -7.10 -11.52
C PHE A 270 17.82 -6.11 -12.63
N ALA A 271 17.27 -4.96 -12.24
CA ALA A 271 16.87 -3.86 -13.16
C ALA A 271 18.11 -3.33 -13.89
N ASN A 272 19.24 -3.17 -13.19
CA ASN A 272 20.49 -2.69 -13.84
C ASN A 272 21.01 -3.74 -14.84
N ALA A 273 20.86 -5.04 -14.55
CA ALA A 273 21.22 -6.10 -15.53
C ALA A 273 20.34 -5.97 -16.78
N ALA A 274 19.02 -5.84 -16.63
CA ALA A 274 18.10 -5.80 -17.80
C ALA A 274 18.31 -4.52 -18.61
N GLY A 275 18.36 -3.37 -17.94
CA GLY A 275 18.70 -2.08 -18.58
C GLY A 275 19.99 -2.13 -19.38
N ALA A 276 21.08 -2.63 -18.80
CA ALA A 276 22.39 -2.82 -19.49
C ALA A 276 22.18 -3.64 -20.77
N LEU A 277 21.49 -4.79 -20.68
CA LEU A 277 21.32 -5.69 -21.86
C LEU A 277 20.48 -5.00 -22.95
N ALA A 278 19.45 -4.23 -22.62
CA ALA A 278 18.64 -3.50 -23.63
C ALA A 278 19.50 -2.50 -24.44
N THR A 279 20.64 -2.05 -23.91
CA THR A 279 21.53 -1.07 -24.60
C THR A 279 22.34 -1.78 -25.68
N THR A 280 22.49 -3.11 -25.58
CA THR A 280 23.45 -3.90 -26.40
C THR A 280 22.84 -4.23 -27.77
N ARG A 281 21.51 -4.24 -27.91
CA ARG A 281 20.84 -4.59 -29.19
C ARG A 281 20.11 -3.35 -29.73
N PRO A 282 19.99 -3.23 -31.09
CA PRO A 282 19.35 -2.07 -31.71
C PRO A 282 17.82 -2.06 -31.55
N GLY A 283 17.22 -0.86 -31.55
CA GLY A 283 15.76 -0.65 -31.49
C GLY A 283 15.20 -0.67 -30.07
N ALA A 284 13.86 -0.59 -29.97
CA ALA A 284 13.09 -0.49 -28.70
C ALA A 284 12.75 -1.89 -28.17
N GLN A 285 11.50 -2.35 -28.36
CA GLN A 285 11.02 -3.66 -27.82
C GLN A 285 11.93 -4.82 -28.22
N PRO A 286 12.37 -4.92 -29.50
CA PRO A 286 13.21 -6.05 -29.95
C PRO A 286 14.41 -6.30 -29.03
N SER A 287 14.99 -5.23 -28.50
CA SER A 287 16.22 -5.24 -27.67
C SER A 287 15.91 -5.65 -26.23
N LEU A 288 14.66 -5.88 -25.85
CA LEU A 288 14.35 -6.23 -24.44
C LEU A 288 14.84 -7.65 -24.18
N PRO A 289 15.53 -7.88 -23.06
CA PRO A 289 16.16 -9.17 -22.83
C PRO A 289 15.27 -10.27 -22.25
N PHE A 290 15.70 -11.54 -22.42
CA PHE A 290 15.02 -12.75 -21.88
C PHE A 290 15.63 -12.99 -20.51
N ARG A 291 14.96 -13.70 -19.61
CA ARG A 291 15.50 -13.79 -18.22
C ARG A 291 16.85 -14.52 -18.20
N ASP A 292 17.10 -15.47 -19.11
CA ASP A 292 18.31 -16.35 -19.02
C ASP A 292 19.56 -15.47 -19.19
N GLU A 293 19.53 -14.51 -20.12
CA GLU A 293 20.59 -13.49 -20.34
C GLU A 293 20.81 -12.67 -19.06
N VAL A 294 19.75 -12.05 -18.54
CA VAL A 294 19.83 -11.19 -17.33
C VAL A 294 20.49 -12.01 -16.23
N GLU A 295 20.01 -13.23 -15.99
CA GLU A 295 20.57 -14.22 -15.02
C GLU A 295 22.04 -14.51 -15.35
N ALA A 296 22.42 -14.64 -16.62
CA ALA A 296 23.82 -14.84 -17.06
C ALA A 296 24.66 -13.60 -16.73
N LEU A 297 24.13 -12.39 -16.93
CA LEU A 297 24.81 -11.14 -16.53
C LEU A 297 24.92 -11.07 -15.00
N LEU A 298 23.86 -11.41 -14.29
CA LEU A 298 23.75 -11.19 -12.82
C LEU A 298 24.83 -11.97 -12.06
N PHE A 299 25.23 -13.14 -12.54
CA PHE A 299 26.10 -14.07 -11.77
C PHE A 299 27.18 -14.69 -12.68
N GLY A 300 27.50 -14.02 -13.81
CA GLY A 300 28.55 -14.42 -14.77
C GLY A 300 28.99 -15.86 -14.59
N MET B 1 -10.48 15.54 22.47
CA MET B 1 -10.15 14.83 23.73
C MET B 1 -10.33 13.33 23.52
N ILE B 2 -9.34 12.55 23.96
CA ILE B 2 -9.38 11.07 23.93
C ILE B 2 -9.34 10.57 25.37
N LEU B 3 -10.19 9.58 25.68
CA LEU B 3 -10.11 8.73 26.89
C LEU B 3 -9.51 7.37 26.50
N VAL B 4 -8.39 6.99 27.10
CA VAL B 4 -7.75 5.66 26.96
C VAL B 4 -8.12 4.87 28.23
N VAL B 5 -8.94 3.84 28.06
CA VAL B 5 -9.26 2.85 29.14
C VAL B 5 -8.43 1.60 28.88
N GLY B 6 -7.44 1.32 29.75
CA GLY B 6 -6.44 0.29 29.50
C GLY B 6 -5.39 0.11 30.61
N SER B 7 -4.33 -0.57 30.23
CA SER B 7 -3.32 -1.22 31.08
C SER B 7 -2.16 -0.26 31.36
N LEU B 8 -1.63 -0.33 32.59
CA LEU B 8 -0.32 0.23 32.99
C LEU B 8 0.44 -0.95 33.53
N ASN B 9 1.64 -1.14 33.01
CA ASN B 9 2.54 -2.26 33.32
C ASN B 9 3.93 -1.70 33.59
N MET B 10 4.62 -2.15 34.64
CA MET B 10 6.07 -1.89 34.76
C MET B 10 6.85 -3.11 34.28
N ASP B 11 7.68 -2.92 33.25
CA ASP B 11 8.67 -3.91 32.79
C ASP B 11 9.90 -3.88 33.69
N LEU B 12 10.21 -5.05 34.25
CA LEU B 12 11.39 -5.39 35.08
C LEU B 12 12.28 -6.19 34.15
N VAL B 13 13.50 -5.73 33.90
CA VAL B 13 14.37 -6.28 32.83
C VAL B 13 15.72 -6.65 33.41
N LEU B 14 16.22 -7.81 33.02
CA LEU B 14 17.58 -8.30 33.35
C LEU B 14 18.29 -8.70 32.05
N ARG B 15 19.48 -8.16 31.79
CA ARG B 15 20.31 -8.62 30.65
C ARG B 15 20.98 -9.92 31.09
N VAL B 16 21.00 -10.94 30.23
CA VAL B 16 21.54 -12.30 30.56
C VAL B 16 22.49 -12.73 29.42
N LYS B 17 23.49 -13.59 29.69
CA LYS B 17 24.52 -14.00 28.70
C LYS B 17 23.93 -15.05 27.77
N ARG B 18 23.01 -15.87 28.26
CA ARG B 18 22.13 -16.71 27.40
C ARG B 18 20.79 -16.85 28.12
N LEU B 19 19.68 -16.86 27.38
CA LEU B 19 18.33 -17.15 27.93
C LEU B 19 18.36 -18.49 28.67
N PRO B 20 17.64 -18.64 29.80
CA PRO B 20 17.54 -19.92 30.48
C PRO B 20 16.57 -20.91 29.85
N ARG B 21 16.97 -22.17 29.79
CA ARG B 21 16.13 -23.35 29.47
C ARG B 21 15.34 -23.67 30.73
N PRO B 22 14.22 -24.42 30.65
CA PRO B 22 13.57 -24.93 31.85
C PRO B 22 14.58 -25.49 32.85
N GLY B 23 14.44 -25.16 34.14
CA GLY B 23 15.19 -25.75 35.27
C GLY B 23 16.57 -25.15 35.44
N GLU B 24 17.03 -24.38 34.47
CA GLU B 24 18.38 -23.75 34.46
C GLU B 24 18.31 -22.42 35.23
N THR B 25 19.36 -22.12 36.01
CA THR B 25 19.66 -20.78 36.58
C THR B 25 20.75 -20.09 35.76
N VAL B 26 20.65 -18.78 35.66
CA VAL B 26 21.55 -17.98 34.79
C VAL B 26 21.93 -16.74 35.59
N LEU B 27 23.07 -16.15 35.26
CA LEU B 27 23.52 -14.86 35.83
C LEU B 27 22.86 -13.73 35.04
N GLY B 28 22.28 -12.75 35.74
CA GLY B 28 21.76 -11.49 35.17
C GLY B 28 22.65 -10.30 35.51
N GLU B 29 22.47 -9.15 34.85
CA GLU B 29 23.01 -7.87 35.37
C GLU B 29 22.17 -6.70 34.88
N ASP B 30 22.39 -5.53 35.49
CA ASP B 30 21.76 -4.23 35.13
C ASP B 30 20.25 -4.34 35.21
N TYR B 31 19.74 -4.78 36.36
CA TYR B 31 18.30 -4.63 36.66
C TYR B 31 17.89 -3.23 36.21
N GLN B 32 16.94 -3.13 35.27
CA GLN B 32 16.31 -1.85 34.87
C GLN B 32 14.81 -2.03 34.98
N THR B 33 14.07 -0.96 35.22
CA THR B 33 12.60 -1.00 35.12
C THR B 33 12.21 0.02 34.05
N HIS B 34 11.27 -0.33 33.17
CA HIS B 34 10.74 0.55 32.08
C HIS B 34 9.21 0.60 32.14
N PRO B 35 8.62 1.81 32.09
CA PRO B 35 7.18 1.97 32.13
C PRO B 35 6.58 1.46 30.81
N GLY B 36 5.36 0.95 30.84
CA GLY B 36 4.79 0.16 29.72
C GLY B 36 3.31 -0.10 29.90
N GLY B 37 2.81 -1.12 29.23
CA GLY B 37 1.39 -1.37 29.05
C GLY B 37 0.91 -0.66 27.80
N LYS B 38 0.07 -1.32 27.02
CA LYS B 38 -0.44 -0.81 25.73
C LYS B 38 -1.28 0.44 26.04
N GLY B 39 -2.10 0.41 27.08
CA GLY B 39 -2.92 1.55 27.54
C GLY B 39 -2.09 2.79 27.75
N ALA B 40 -1.07 2.72 28.62
CA ALA B 40 -0.20 3.88 28.94
C ALA B 40 0.63 4.27 27.73
N ASN B 41 1.14 3.30 26.96
CA ASN B 41 1.97 3.60 25.76
C ASN B 41 1.18 4.41 24.74
N GLN B 42 -0.08 4.06 24.54
CA GLN B 42 -0.97 4.72 23.53
C GLN B 42 -1.33 6.14 24.01
N ALA B 43 -1.55 6.34 25.30
CA ALA B 43 -1.83 7.67 25.89
C ALA B 43 -0.60 8.59 25.76
N VAL B 44 0.62 8.06 25.97
CA VAL B 44 1.89 8.83 25.79
C VAL B 44 2.05 9.14 24.29
N ALA B 45 1.77 8.16 23.42
CA ALA B 45 1.83 8.38 21.97
C ALA B 45 0.93 9.57 21.62
N ILE B 46 -0.29 9.59 22.16
CA ILE B 46 -1.24 10.70 21.85
C ILE B 46 -0.67 12.04 22.34
N ALA B 47 -0.14 12.07 23.57
CA ALA B 47 0.32 13.30 24.27
C ALA B 47 1.54 13.88 23.55
N ARG B 48 2.42 13.03 23.07
CA ARG B 48 3.60 13.46 22.29
C ARG B 48 3.21 13.98 20.90
N LEU B 49 2.07 13.52 20.35
CA LEU B 49 1.53 13.94 19.03
C LEU B 49 0.70 15.20 19.23
N GLY B 50 0.59 15.64 20.48
CA GLY B 50 0.04 16.96 20.85
C GLY B 50 -1.42 16.86 21.23
N GLY B 51 -1.97 15.64 21.33
CA GLY B 51 -3.40 15.46 21.68
C GLY B 51 -3.64 15.60 23.16
N LYS B 52 -4.87 15.97 23.50
CA LYS B 52 -5.44 15.94 24.87
C LYS B 52 -5.89 14.51 25.14
N VAL B 53 -5.39 13.89 26.22
CA VAL B 53 -5.75 12.49 26.56
C VAL B 53 -5.85 12.31 28.07
N ARG B 54 -6.86 11.56 28.51
CA ARG B 54 -7.04 11.13 29.91
C ARG B 54 -6.85 9.61 29.87
N MET B 55 -6.13 9.13 30.88
CA MET B 55 -5.83 7.71 31.10
C MET B 55 -6.78 7.22 32.19
N LEU B 56 -7.51 6.14 31.90
CA LEU B 56 -8.33 5.42 32.89
C LEU B 56 -7.81 4.00 33.01
N GLY B 57 -7.27 3.67 34.18
CA GLY B 57 -6.72 2.33 34.46
C GLY B 57 -6.34 2.25 35.91
N ARG B 58 -5.66 1.19 36.31
CA ARG B 58 -5.37 0.90 37.74
C ARG B 58 -3.87 0.69 37.91
N VAL B 59 -3.31 1.33 38.93
CA VAL B 59 -1.90 1.11 39.35
C VAL B 59 -1.98 0.50 40.74
N GLY B 60 -1.00 -0.31 41.09
CA GLY B 60 -0.76 -0.75 42.47
C GLY B 60 -0.53 0.43 43.40
N GLU B 61 -0.56 0.14 44.70
CA GLU B 61 -0.19 1.04 45.80
C GLU B 61 1.25 0.71 46.18
N ASP B 62 2.06 0.49 45.16
CA ASP B 62 3.49 0.16 45.24
C ASP B 62 4.28 1.24 44.51
N PRO B 63 5.60 1.34 44.77
CA PRO B 63 6.42 2.32 44.07
C PRO B 63 6.27 2.27 42.53
N PHE B 64 6.18 1.09 41.92
CA PHE B 64 5.88 0.96 40.45
C PHE B 64 4.63 1.78 40.11
N GLY B 65 3.60 1.68 40.96
CA GLY B 65 2.35 2.46 40.78
C GLY B 65 2.61 3.94 40.68
N GLN B 66 3.42 4.48 41.59
CA GLN B 66 3.65 5.95 41.64
C GLN B 66 4.53 6.36 40.46
N ALA B 67 5.50 5.54 40.07
CA ALA B 67 6.37 5.78 38.89
C ALA B 67 5.52 5.70 37.59
N LEU B 68 4.64 4.71 37.47
CA LEU B 68 3.73 4.60 36.29
C LEU B 68 2.87 5.86 36.16
N LYS B 69 2.17 6.23 37.23
CA LYS B 69 1.24 7.40 37.23
C LYS B 69 2.01 8.71 37.02
N SER B 70 3.13 8.93 37.74
CA SER B 70 4.06 10.10 37.55
C SER B 70 4.51 10.19 36.11
N GLY B 71 4.93 9.05 35.53
CA GLY B 71 5.48 8.94 34.17
C GLY B 71 4.53 9.56 33.15
N LEU B 72 3.26 9.20 33.22
CA LEU B 72 2.19 9.74 32.33
C LEU B 72 2.01 11.26 32.56
N ALA B 73 1.87 11.73 33.79
CA ALA B 73 1.59 13.16 34.05
C ALA B 73 2.73 14.03 33.48
N GLN B 74 3.98 13.59 33.58
CA GLN B 74 5.17 14.27 32.97
C GLN B 74 5.01 14.41 31.45
N GLU B 75 4.34 13.46 30.78
CA GLU B 75 4.09 13.51 29.32
C GLU B 75 2.86 14.36 28.99
N GLY B 76 2.17 14.94 29.99
CA GLY B 76 0.99 15.80 29.81
C GLY B 76 -0.29 14.97 29.70
N VAL B 77 -0.22 13.67 29.95
CA VAL B 77 -1.41 12.80 30.11
C VAL B 77 -2.11 13.22 31.40
N ASP B 78 -3.40 13.50 31.31
CA ASP B 78 -4.27 13.73 32.48
C ASP B 78 -4.41 12.37 33.18
N VAL B 79 -3.97 12.25 34.45
CA VAL B 79 -4.04 10.98 35.22
C VAL B 79 -5.03 11.11 36.37
N ALA B 80 -6.01 12.02 36.28
CA ALA B 80 -7.03 12.19 37.32
C ALA B 80 -7.78 10.87 37.56
N TRP B 81 -7.88 10.01 36.54
CA TRP B 81 -8.70 8.76 36.57
C TRP B 81 -7.81 7.52 36.61
N VAL B 82 -6.53 7.69 36.92
CA VAL B 82 -5.68 6.51 37.23
C VAL B 82 -5.96 6.13 38.70
N LEU B 83 -6.58 4.99 38.92
CA LEU B 83 -7.05 4.54 40.25
C LEU B 83 -5.93 3.78 40.99
N GLU B 84 -5.61 4.23 42.19
CA GLU B 84 -4.76 3.45 43.13
C GLU B 84 -5.50 2.16 43.56
N THR B 85 -4.79 1.04 43.66
CA THR B 85 -5.43 -0.26 43.97
C THR B 85 -4.51 -1.07 44.89
N PRO B 86 -5.12 -1.74 45.89
CA PRO B 86 -4.38 -2.59 46.81
C PRO B 86 -3.59 -3.67 46.04
N GLY B 87 -2.39 -3.99 46.51
CA GLY B 87 -1.55 -5.01 45.87
C GLY B 87 -0.69 -4.38 44.79
N PRO B 88 -0.03 -5.20 43.95
CA PRO B 88 1.01 -4.71 43.06
C PRO B 88 0.48 -4.16 41.72
N SER B 89 1.27 -3.28 41.09
CA SER B 89 1.04 -2.83 39.68
C SER B 89 1.25 -4.04 38.77
N GLY B 90 0.75 -3.99 37.54
CA GLY B 90 1.10 -4.99 36.52
C GLY B 90 2.60 -5.02 36.29
N THR B 91 3.17 -6.19 36.08
CA THR B 91 4.64 -6.39 36.05
C THR B 91 4.91 -7.38 34.93
N GLY B 92 5.83 -6.99 34.03
CA GLY B 92 6.48 -7.88 33.05
C GLY B 92 7.87 -8.26 33.52
N PHE B 93 8.21 -9.54 33.52
CA PHE B 93 9.59 -10.03 33.74
C PHE B 93 10.19 -10.30 32.37
N ILE B 94 11.27 -9.61 32.04
CA ILE B 94 11.95 -9.69 30.72
C ILE B 94 13.41 -10.09 30.99
N LEU B 95 13.88 -11.16 30.33
CA LEU B 95 15.33 -11.48 30.18
C LEU B 95 15.77 -11.21 28.73
N VAL B 96 16.73 -10.32 28.51
CA VAL B 96 17.27 -10.00 27.15
C VAL B 96 18.71 -10.53 27.03
N ASP B 97 19.06 -11.20 25.92
CA ASP B 97 20.42 -11.75 25.68
C ASP B 97 21.30 -10.69 24.99
N PRO B 98 22.60 -10.99 24.72
CA PRO B 98 23.47 -10.08 23.97
C PRO B 98 23.01 -9.80 22.53
N GLU B 99 22.20 -10.68 21.94
CA GLU B 99 21.74 -10.58 20.53
C GLU B 99 20.43 -9.79 20.45
N GLY B 100 19.71 -9.66 21.57
CA GLY B 100 18.52 -8.80 21.73
C GLY B 100 17.24 -9.59 21.79
N GLN B 101 17.35 -10.91 21.71
CA GLN B 101 16.17 -11.81 21.84
C GLN B 101 15.86 -11.94 23.33
N ASN B 102 14.61 -12.27 23.64
CA ASN B 102 14.07 -12.07 25.00
C ASN B 102 13.14 -13.23 25.35
N GLN B 103 12.84 -13.31 26.64
CA GLN B 103 11.89 -14.23 27.31
C GLN B 103 10.99 -13.29 28.14
N ILE B 104 9.68 -13.31 27.95
CA ILE B 104 8.79 -12.32 28.64
C ILE B 104 7.65 -13.08 29.32
N ALA B 105 7.30 -12.68 30.55
CA ALA B 105 6.07 -13.05 31.27
C ALA B 105 5.41 -11.77 31.79
N VAL B 106 4.10 -11.61 31.57
CA VAL B 106 3.36 -10.37 31.95
C VAL B 106 2.25 -10.77 32.91
N ALA B 107 2.29 -10.20 34.12
CA ALA B 107 1.19 -10.31 35.10
C ALA B 107 0.35 -9.04 35.07
N PRO B 108 -0.99 -9.14 35.01
CA PRO B 108 -1.90 -8.00 35.01
C PRO B 108 -1.90 -7.18 36.29
N GLY B 109 -1.62 -7.80 37.43
CA GLY B 109 -1.58 -7.09 38.72
C GLY B 109 -2.82 -6.22 38.80
N ALA B 110 -2.68 -4.95 39.14
CA ALA B 110 -3.80 -4.03 39.40
C ALA B 110 -4.69 -3.94 38.15
N ASN B 111 -4.19 -4.26 36.96
CA ASN B 111 -5.00 -4.21 35.72
C ASN B 111 -6.20 -5.16 35.81
N ALA B 112 -6.04 -6.33 36.43
CA ALA B 112 -7.14 -7.34 36.49
C ALA B 112 -8.25 -6.87 37.44
N ARG B 113 -8.02 -5.83 38.26
CA ARG B 113 -9.03 -5.26 39.19
C ARG B 113 -9.69 -4.03 38.56
N LEU B 114 -9.35 -3.64 37.33
CA LEU B 114 -10.16 -2.59 36.67
C LEU B 114 -11.44 -3.29 36.19
N VAL B 115 -12.54 -3.02 36.89
CA VAL B 115 -13.88 -3.69 36.76
C VAL B 115 -14.84 -2.67 36.14
N PRO B 116 -16.00 -3.10 35.60
CA PRO B 116 -16.92 -2.16 34.95
C PRO B 116 -17.35 -0.93 35.80
N GLU B 117 -17.52 -1.08 37.12
CA GLU B 117 -17.96 0.04 38.00
C GLU B 117 -16.82 1.01 38.30
N ASP B 118 -15.59 0.74 37.87
CA ASP B 118 -14.50 1.74 37.98
C ASP B 118 -14.67 2.83 36.92
N LEU B 119 -15.56 2.62 35.94
CA LEU B 119 -15.64 3.48 34.72
C LEU B 119 -16.77 4.48 34.92
N PRO B 120 -16.45 5.71 35.38
CA PRO B 120 -17.48 6.71 35.67
C PRO B 120 -17.71 7.59 34.43
N ALA B 121 -19.00 7.90 34.20
CA ALA B 121 -19.52 8.68 33.06
C ALA B 121 -18.72 9.97 32.87
N THR B 122 -18.39 10.65 33.98
CA THR B 122 -17.58 11.88 34.05
C THR B 122 -16.31 11.77 33.21
N ALA B 123 -15.61 10.62 33.24
CA ALA B 123 -14.37 10.37 32.45
C ALA B 123 -14.66 10.44 30.95
N PHE B 124 -15.88 10.11 30.54
CA PHE B 124 -16.31 10.01 29.12
C PHE B 124 -16.97 11.33 28.67
N GLN B 125 -17.15 12.33 29.53
CA GLN B 125 -17.79 13.59 29.07
C GLN B 125 -16.88 14.36 28.11
N GLY B 126 -17.42 14.86 27.01
CA GLY B 126 -16.70 15.66 26.00
C GLY B 126 -15.63 14.87 25.26
N VAL B 127 -15.70 13.54 25.31
CA VAL B 127 -14.60 12.72 24.73
C VAL B 127 -14.93 12.52 23.25
N GLY B 128 -13.98 12.72 22.34
CA GLY B 128 -14.20 12.44 20.90
C GLY B 128 -13.98 10.97 20.56
N VAL B 129 -12.92 10.36 21.13
CA VAL B 129 -12.53 8.95 20.85
C VAL B 129 -12.19 8.25 22.17
N VAL B 130 -12.78 7.08 22.38
CA VAL B 130 -12.40 6.12 23.46
C VAL B 130 -11.48 5.08 22.82
N LEU B 131 -10.25 4.99 23.31
CA LEU B 131 -9.28 3.99 22.82
C LEU B 131 -9.14 2.88 23.86
N LEU B 132 -9.30 1.64 23.42
CA LEU B 132 -9.28 0.42 24.26
C LEU B 132 -8.22 -0.55 23.76
N GLN B 133 -7.59 -1.30 24.65
CA GLN B 133 -6.89 -2.55 24.28
C GLN B 133 -7.53 -3.73 25.02
N LEU B 134 -6.85 -4.89 24.99
CA LEU B 134 -7.31 -6.13 25.67
C LEU B 134 -6.33 -6.51 26.79
N GLU B 135 -5.75 -5.53 27.51
CA GLU B 135 -4.89 -5.75 28.71
C GLU B 135 -5.66 -5.35 29.97
N ILE B 136 -6.99 -5.43 29.93
CA ILE B 136 -7.91 -5.30 31.08
C ILE B 136 -8.98 -6.35 30.88
N PRO B 137 -9.88 -6.61 31.86
CA PRO B 137 -10.96 -7.58 31.69
C PRO B 137 -11.92 -7.21 30.55
N LEU B 138 -12.34 -8.21 29.81
CA LEU B 138 -13.26 -8.08 28.65
C LEU B 138 -14.56 -7.40 29.10
N GLU B 139 -15.12 -7.80 30.25
CA GLU B 139 -16.30 -7.09 30.85
C GLU B 139 -16.01 -5.58 30.97
N THR B 140 -14.77 -5.16 31.27
CA THR B 140 -14.50 -3.70 31.41
C THR B 140 -14.49 -3.04 30.02
N VAL B 141 -13.88 -3.67 29.01
CA VAL B 141 -13.86 -3.20 27.58
C VAL B 141 -15.33 -2.97 27.15
N VAL B 142 -16.17 -3.98 27.40
CA VAL B 142 -17.63 -3.96 27.11
C VAL B 142 -18.27 -2.73 27.75
N ARG B 143 -18.03 -2.48 29.04
CA ARG B 143 -18.63 -1.32 29.75
C ARG B 143 -18.13 -0.02 29.13
N ALA B 144 -16.84 0.03 28.76
CA ALA B 144 -16.20 1.22 28.14
C ALA B 144 -16.90 1.58 26.83
N ALA B 145 -17.01 0.60 25.93
CA ALA B 145 -17.64 0.74 24.60
C ALA B 145 -19.03 1.38 24.79
N ALA B 146 -19.82 0.85 25.71
CA ALA B 146 -21.22 1.25 25.98
C ALA B 146 -21.24 2.64 26.65
N LEU B 147 -20.29 2.94 27.54
CA LEU B 147 -20.29 4.29 28.15
C LEU B 147 -19.75 5.30 27.11
N GLY B 148 -18.92 4.83 26.19
CA GLY B 148 -18.34 5.69 25.15
C GLY B 148 -19.41 6.14 24.17
N ARG B 149 -20.18 5.19 23.65
CA ARG B 149 -21.31 5.41 22.69
C ARG B 149 -22.39 6.26 23.32
N LYS B 150 -22.70 6.06 24.60
CA LYS B 150 -23.73 6.85 25.30
C LYS B 150 -23.27 8.31 25.34
N ALA B 151 -21.95 8.58 25.38
CA ALA B 151 -21.35 9.93 25.52
C ALA B 151 -21.12 10.66 24.19
N GLY B 152 -21.37 10.03 23.04
CA GLY B 152 -21.17 10.66 21.72
C GLY B 152 -19.82 10.31 21.09
N ALA B 153 -18.99 9.53 21.79
CA ALA B 153 -17.60 9.23 21.39
C ALA B 153 -17.60 8.08 20.39
N ARG B 154 -16.59 8.07 19.53
CA ARG B 154 -16.26 6.90 18.68
C ARG B 154 -15.34 5.96 19.48
N ILE B 155 -15.52 4.66 19.24
CA ILE B 155 -14.84 3.55 19.95
C ILE B 155 -13.85 2.88 19.02
N LEU B 156 -12.57 3.02 19.37
CA LEU B 156 -11.45 2.32 18.72
C LEU B 156 -11.00 1.23 19.68
N LEU B 157 -11.22 -0.03 19.28
CA LEU B 157 -10.63 -1.23 19.90
C LEU B 157 -9.42 -1.68 19.10
N ASN B 158 -8.24 -1.51 19.70
CA ASN B 158 -7.02 -2.27 19.37
C ASN B 158 -7.15 -3.67 20.00
N ALA B 159 -7.61 -4.68 19.27
CA ALA B 159 -7.74 -6.06 19.78
C ALA B 159 -6.36 -6.68 19.95
N ALA B 160 -5.62 -6.20 20.96
CA ALA B 160 -4.21 -6.57 21.24
C ALA B 160 -3.93 -6.65 22.76
N PRO B 161 -3.10 -7.61 23.21
CA PRO B 161 -2.51 -8.61 22.32
C PRO B 161 -3.53 -9.67 21.84
N ALA B 162 -3.01 -10.61 21.05
CA ALA B 162 -3.81 -11.63 20.34
C ALA B 162 -4.77 -12.27 21.34
N HIS B 163 -6.06 -12.23 21.05
CA HIS B 163 -7.11 -12.79 21.93
C HIS B 163 -8.34 -12.97 21.06
N ALA B 164 -8.92 -14.18 21.04
CA ALA B 164 -10.29 -14.45 20.50
C ALA B 164 -11.28 -13.50 21.18
N LEU B 165 -12.33 -13.07 20.47
CA LEU B 165 -13.30 -12.07 20.97
C LEU B 165 -14.72 -12.52 20.65
N PRO B 166 -15.70 -12.27 21.54
CA PRO B 166 -17.10 -12.49 21.20
C PRO B 166 -17.51 -11.61 20.01
N SER B 167 -18.45 -12.07 19.17
CA SER B 167 -19.06 -11.27 18.09
C SER B 167 -19.71 -10.02 18.69
N GLU B 168 -20.39 -10.15 19.84
CA GLU B 168 -21.04 -9.05 20.61
C GLU B 168 -20.11 -7.82 20.62
N ILE B 169 -18.93 -7.94 21.25
CA ILE B 169 -17.93 -6.83 21.43
C ILE B 169 -17.48 -6.31 20.06
N LEU B 170 -17.20 -7.19 19.07
CA LEU B 170 -16.84 -6.83 17.67
C LEU B 170 -17.94 -5.99 17.01
N GLN B 171 -19.21 -6.21 17.38
CA GLN B 171 -20.37 -5.43 16.90
C GLN B 171 -20.55 -4.11 17.68
N SER B 172 -19.82 -3.91 18.77
CA SER B 172 -19.99 -2.77 19.71
C SER B 172 -19.01 -1.63 19.39
N VAL B 173 -18.11 -1.83 18.43
CA VAL B 173 -16.96 -0.91 18.17
C VAL B 173 -17.14 -0.19 16.83
N ASP B 174 -16.58 1.01 16.70
CA ASP B 174 -16.58 1.79 15.43
C ASP B 174 -15.38 1.43 14.59
N LEU B 175 -14.22 1.11 15.21
CA LEU B 175 -12.98 0.77 14.49
C LEU B 175 -12.31 -0.39 15.22
N LEU B 176 -11.99 -1.44 14.47
CA LEU B 176 -11.25 -2.63 14.94
C LEU B 176 -9.85 -2.58 14.35
N LEU B 177 -8.86 -2.45 15.23
CA LEU B 177 -7.44 -2.29 14.85
C LEU B 177 -6.69 -3.54 15.26
N VAL B 178 -6.10 -4.26 14.31
CA VAL B 178 -5.41 -5.55 14.59
C VAL B 178 -4.10 -5.58 13.81
N ASN B 179 -3.20 -6.46 14.23
CA ASN B 179 -1.93 -6.71 13.50
C ASN B 179 -2.07 -8.05 12.75
N GLU B 180 -1.01 -8.48 12.09
CA GLU B 180 -0.99 -9.75 11.32
C GLU B 180 -1.51 -10.88 12.21
N VAL B 181 -0.92 -11.03 13.41
CA VAL B 181 -1.15 -12.20 14.30
C VAL B 181 -2.53 -12.06 14.94
N GLU B 182 -2.98 -10.88 15.35
CA GLU B 182 -4.30 -10.71 16.03
C GLU B 182 -5.42 -10.97 15.02
N ALA B 183 -5.24 -10.46 13.80
CA ALA B 183 -6.14 -10.72 12.65
C ALA B 183 -6.32 -12.24 12.52
N ALA B 184 -5.22 -12.99 12.31
CA ALA B 184 -5.16 -14.46 12.06
C ALA B 184 -5.90 -15.28 13.14
N GLN B 185 -5.83 -14.91 14.42
CA GLN B 185 -6.55 -15.61 15.51
C GLN B 185 -8.05 -15.32 15.46
N LEU B 186 -8.42 -14.09 15.12
CA LEU B 186 -9.83 -13.66 15.14
C LEU B 186 -10.59 -14.35 14.02
N THR B 187 -9.90 -14.77 12.95
CA THR B 187 -10.47 -15.36 11.71
C THR B 187 -10.09 -16.85 11.59
N GLU B 188 -9.14 -17.31 12.39
CA GLU B 188 -8.61 -18.70 12.39
C GLU B 188 -8.01 -18.99 11.01
N ALA B 189 -7.15 -18.10 10.52
CA ALA B 189 -6.48 -18.19 9.20
C ALA B 189 -4.98 -18.03 9.40
N SER B 190 -4.21 -18.27 8.35
CA SER B 190 -2.74 -18.08 8.34
C SER B 190 -2.43 -16.59 8.34
N PRO B 191 -1.31 -16.15 8.98
CA PRO B 191 -1.00 -14.72 9.04
C PRO B 191 -0.71 -14.20 7.64
N PRO B 192 -1.26 -13.01 7.26
CA PRO B 192 -1.07 -12.49 5.90
C PRO B 192 0.31 -11.87 5.70
N ARG B 193 0.92 -12.10 4.54
CA ARG B 193 2.25 -11.57 4.13
C ARG B 193 2.14 -10.55 2.98
N THR B 194 0.97 -10.42 2.34
CA THR B 194 0.72 -9.45 1.23
C THR B 194 -0.41 -8.52 1.64
N PRO B 195 -0.49 -7.27 1.11
CA PRO B 195 -1.71 -6.49 1.22
C PRO B 195 -2.94 -7.30 0.76
N GLU B 196 -2.83 -8.08 -0.32
CA GLU B 196 -4.02 -8.79 -0.85
C GLU B 196 -4.54 -9.79 0.18
N GLU B 197 -3.67 -10.65 0.72
CA GLU B 197 -4.06 -11.59 1.80
C GLU B 197 -4.62 -10.75 2.95
N ALA B 198 -3.95 -9.63 3.26
CA ALA B 198 -4.30 -8.76 4.39
C ALA B 198 -5.72 -8.23 4.19
N LEU B 199 -6.03 -7.69 3.01
CA LEU B 199 -7.36 -7.11 2.77
C LEU B 199 -8.41 -8.21 2.91
N ALA B 200 -8.13 -9.43 2.45
CA ALA B 200 -9.10 -10.54 2.52
C ALA B 200 -9.38 -10.86 4.00
N LEU B 201 -8.39 -10.79 4.89
CA LEU B 201 -8.68 -10.97 6.34
C LEU B 201 -9.44 -9.76 6.90
N ALA B 202 -9.09 -8.53 6.52
CA ALA B 202 -9.83 -7.32 6.95
C ALA B 202 -11.30 -7.51 6.54
N ARG B 203 -11.53 -7.78 5.24
CA ARG B 203 -12.90 -8.03 4.66
C ARG B 203 -13.63 -9.07 5.51
N GLN B 204 -13.08 -10.29 5.64
CA GLN B 204 -13.59 -11.40 6.52
C GLN B 204 -13.97 -10.88 7.92
N LEU B 205 -13.06 -10.14 8.60
CA LEU B 205 -13.31 -9.42 9.89
C LEU B 205 -14.44 -8.36 9.79
N ARG B 206 -14.47 -7.53 8.73
CA ARG B 206 -15.60 -6.59 8.47
C ARG B 206 -16.94 -7.35 8.41
N GLY B 207 -16.91 -8.62 7.99
CA GLY B 207 -18.09 -9.50 7.90
C GLY B 207 -18.72 -9.79 9.26
N ARG B 208 -17.92 -10.04 10.30
CA ARG B 208 -18.43 -10.29 11.68
C ARG B 208 -18.56 -8.97 12.43
N ALA B 209 -18.02 -7.88 11.89
CA ALA B 209 -18.18 -6.52 12.47
C ALA B 209 -18.47 -5.56 11.33
N PRO B 210 -19.65 -5.69 10.68
CA PRO B 210 -19.99 -4.94 9.45
C PRO B 210 -20.19 -3.44 9.65
N GLN B 211 -20.40 -3.01 10.87
CA GLN B 211 -20.50 -1.59 11.26
C GLN B 211 -19.09 -1.00 11.44
N ALA B 212 -18.06 -1.85 11.56
CA ALA B 212 -16.69 -1.49 11.97
C ALA B 212 -15.84 -1.07 10.77
N GLN B 213 -15.11 0.03 10.95
CA GLN B 213 -13.87 0.33 10.17
C GLN B 213 -12.80 -0.63 10.69
N VAL B 214 -12.36 -1.54 9.82
CA VAL B 214 -11.36 -2.60 10.11
C VAL B 214 -10.03 -2.15 9.53
N VAL B 215 -9.03 -2.09 10.40
CA VAL B 215 -7.63 -1.67 10.12
C VAL B 215 -6.70 -2.81 10.56
N LEU B 216 -5.93 -3.31 9.60
CA LEU B 216 -4.95 -4.42 9.70
C LEU B 216 -3.57 -3.85 9.35
N THR B 217 -2.70 -3.75 10.35
CA THR B 217 -1.31 -3.22 10.21
C THR B 217 -0.45 -4.38 9.69
N LEU B 218 0.57 -4.09 8.89
CA LEU B 218 1.43 -5.12 8.25
C LEU B 218 2.86 -4.62 8.22
N GLY B 219 3.35 -4.08 9.34
CA GLY B 219 4.78 -3.76 9.54
C GLY B 219 5.32 -2.84 8.45
N ALA B 220 6.31 -3.33 7.72
CA ALA B 220 7.06 -2.64 6.65
C ALA B 220 6.18 -2.42 5.41
N GLN B 221 5.00 -3.07 5.35
CA GLN B 221 4.06 -2.86 4.20
C GLN B 221 2.90 -1.95 4.60
N GLY B 222 2.99 -1.25 5.74
CA GLY B 222 1.99 -0.25 6.17
C GLY B 222 0.78 -0.90 6.80
N ALA B 223 -0.40 -0.69 6.22
CA ALA B 223 -1.68 -1.15 6.78
C ALA B 223 -2.70 -1.23 5.67
N VAL B 224 -3.76 -1.99 5.89
CA VAL B 224 -4.92 -2.01 4.96
C VAL B 224 -6.16 -1.69 5.77
N TRP B 225 -7.18 -1.19 5.09
CA TRP B 225 -8.48 -0.79 5.65
C TRP B 225 -9.56 -1.45 4.83
N SER B 226 -10.50 -2.10 5.51
CA SER B 226 -11.75 -2.64 4.92
C SER B 226 -12.91 -2.10 5.76
N GLY B 227 -13.65 -1.15 5.22
CA GLY B 227 -14.81 -0.54 5.91
C GLY B 227 -15.72 0.14 4.90
N THR B 228 -16.10 1.40 5.11
CA THR B 228 -16.92 2.15 4.12
C THR B 228 -16.17 2.17 2.78
N GLU B 229 -14.84 2.01 2.80
CA GLU B 229 -13.96 1.86 1.61
C GLU B 229 -12.82 0.89 1.96
N GLU B 230 -12.22 0.28 0.94
CA GLU B 230 -11.06 -0.62 1.11
C GLU B 230 -9.81 -0.03 0.48
N SER B 231 -8.66 -0.11 1.17
CA SER B 231 -7.39 0.38 0.61
C SER B 231 -6.20 -0.12 1.40
N HIS B 232 -5.04 -0.17 0.71
CA HIS B 232 -3.67 -0.29 1.23
C HIS B 232 -3.14 1.12 1.49
N PHE B 233 -2.46 1.29 2.62
CA PHE B 233 -1.72 2.53 2.91
C PHE B 233 -0.27 2.10 3.03
N PRO B 234 0.64 2.63 2.19
CA PRO B 234 2.05 2.24 2.24
C PRO B 234 2.73 2.78 3.51
N ALA B 235 3.58 1.95 4.07
CA ALA B 235 4.55 2.33 5.13
C ALA B 235 5.41 3.50 4.64
N PHE B 236 5.85 4.38 5.54
CA PHE B 236 6.82 5.45 5.25
C PHE B 236 8.22 4.88 5.37
N PRO B 237 9.05 4.96 4.31
CA PRO B 237 10.35 4.32 4.35
C PRO B 237 11.23 5.02 5.39
N VAL B 238 11.83 4.19 6.23
CA VAL B 238 12.66 4.60 7.38
C VAL B 238 13.69 3.51 7.61
N ARG B 239 14.79 3.87 8.23
CA ARG B 239 15.79 2.94 8.80
C ARG B 239 15.16 2.41 10.09
N ALA B 240 14.63 1.18 10.06
CA ALA B 240 14.00 0.48 11.19
C ALA B 240 15.08 -0.12 12.11
N VAL B 241 14.98 0.14 13.41
CA VAL B 241 15.95 -0.34 14.43
C VAL B 241 15.23 -1.17 15.48
N ASP B 242 14.08 -0.73 15.95
CA ASP B 242 13.37 -1.47 17.01
C ASP B 242 11.88 -1.20 16.92
N THR B 243 11.10 -2.21 16.55
CA THR B 243 9.66 -2.11 16.19
C THR B 243 8.82 -2.08 17.47
N THR B 244 9.44 -2.33 18.63
CA THR B 244 8.80 -2.13 19.95
C THR B 244 8.07 -0.78 19.96
N ALA B 245 6.81 -0.80 20.39
CA ALA B 245 5.88 0.32 20.60
C ALA B 245 5.33 0.85 19.25
N ALA B 246 5.74 0.29 18.10
CA ALA B 246 5.27 0.79 16.79
C ALA B 246 3.73 0.70 16.71
N GLY B 247 3.15 -0.38 17.27
CA GLY B 247 1.71 -0.67 17.24
C GLY B 247 0.97 0.33 18.10
N ASP B 248 1.52 0.65 19.28
CA ASP B 248 0.97 1.73 20.14
C ASP B 248 1.16 3.08 19.45
N ALA B 249 2.27 3.36 18.78
CA ALA B 249 2.44 4.65 18.08
C ALA B 249 1.34 4.79 17.02
N PHE B 250 1.12 3.73 16.24
CA PHE B 250 0.09 3.66 15.17
C PHE B 250 -1.31 3.89 15.78
N ALA B 251 -1.64 3.19 16.88
CA ALA B 251 -2.99 3.20 17.52
C ALA B 251 -3.29 4.60 18.03
N GLY B 252 -2.34 5.23 18.75
CA GLY B 252 -2.46 6.60 19.29
C GLY B 252 -2.63 7.65 18.19
N ALA B 253 -1.79 7.61 17.16
CA ALA B 253 -1.86 8.50 15.98
C ALA B 253 -3.24 8.34 15.32
N LEU B 254 -3.68 7.11 15.08
CA LEU B 254 -4.99 6.88 14.44
C LEU B 254 -6.07 7.52 15.31
N ALA B 255 -6.08 7.30 16.63
CA ALA B 255 -7.14 7.84 17.50
C ALA B 255 -7.09 9.38 17.46
N LEU B 256 -5.90 9.97 17.46
CA LEU B 256 -5.74 11.44 17.45
C LEU B 256 -6.17 12.03 16.10
N GLY B 257 -5.73 11.45 14.98
CA GLY B 257 -6.18 11.92 13.65
C GLY B 257 -7.71 11.97 13.59
N LEU B 258 -8.38 10.89 14.03
CA LEU B 258 -9.87 10.83 14.08
C LEU B 258 -10.42 11.90 15.04
N ALA B 259 -9.86 12.07 16.24
CA ALA B 259 -10.38 13.06 17.24
C ALA B 259 -10.23 14.49 16.69
N GLU B 260 -9.14 14.79 15.97
CA GLU B 260 -8.87 16.12 15.33
C GLU B 260 -9.80 16.39 14.13
N GLY B 261 -10.61 15.41 13.72
CA GLY B 261 -11.55 15.45 12.59
C GLY B 261 -10.96 14.98 11.27
N GLN B 262 -9.77 14.34 11.24
CA GLN B 262 -9.15 13.89 9.96
C GLN B 262 -10.07 12.83 9.31
N ASN B 263 -10.08 12.75 7.98
CA ASN B 263 -10.79 11.66 7.26
C ASN B 263 -9.97 10.37 7.44
N MET B 264 -10.63 9.22 7.30
CA MET B 264 -10.01 7.90 7.57
C MET B 264 -8.69 7.80 6.81
N ARG B 265 -8.64 8.32 5.58
CA ARG B 265 -7.46 8.17 4.69
C ARG B 265 -6.25 8.90 5.26
N ALA B 266 -6.46 10.13 5.74
CA ALA B 266 -5.39 11.03 6.22
C ALA B 266 -4.90 10.48 7.57
N ALA B 267 -5.81 9.96 8.38
CA ALA B 267 -5.52 9.50 9.75
C ALA B 267 -4.72 8.21 9.64
N LEU B 268 -5.07 7.34 8.68
CA LEU B 268 -4.31 6.09 8.42
C LEU B 268 -2.89 6.39 7.91
N ARG B 269 -2.75 7.37 7.03
CA ARG B 269 -1.44 7.87 6.55
C ARG B 269 -0.62 8.41 7.75
N PHE B 270 -1.22 9.26 8.58
CA PHE B 270 -0.65 9.87 9.80
C PHE B 270 -0.19 8.75 10.74
N ALA B 271 -1.07 7.79 10.97
CA ALA B 271 -0.74 6.64 11.86
C ALA B 271 0.44 5.88 11.28
N ASN B 272 0.52 5.72 9.95
CA ASN B 272 1.69 5.02 9.32
C ASN B 272 2.98 5.82 9.55
N ALA B 273 2.97 7.14 9.34
CA ALA B 273 4.16 7.98 9.63
C ALA B 273 4.54 7.83 11.12
N ALA B 274 3.58 7.81 12.05
CA ALA B 274 3.89 7.75 13.49
C ALA B 274 4.57 6.40 13.81
N GLY B 275 4.00 5.29 13.32
CA GLY B 275 4.55 3.94 13.45
C GLY B 275 5.96 3.87 12.88
N ALA B 276 6.16 4.37 11.66
CA ALA B 276 7.49 4.40 11.00
C ALA B 276 8.50 4.99 11.97
N LEU B 277 8.22 6.19 12.48
CA LEU B 277 9.20 6.94 13.28
C LEU B 277 9.53 6.19 14.58
N ALA B 278 8.56 5.55 15.22
CA ALA B 278 8.72 4.72 16.43
C ALA B 278 9.71 3.56 16.19
N THR B 279 9.79 3.02 14.95
CA THR B 279 10.73 1.93 14.62
C THR B 279 12.19 2.46 14.64
N THR B 280 12.44 3.77 14.48
CA THR B 280 13.80 4.27 14.18
C THR B 280 14.62 4.46 15.46
N ARG B 281 14.12 4.04 16.62
CA ARG B 281 14.72 4.36 17.93
C ARG B 281 14.50 3.18 18.86
N PRO B 282 15.52 2.84 19.68
CA PRO B 282 15.46 1.67 20.57
C PRO B 282 14.39 1.86 21.64
N GLY B 283 13.71 0.80 22.06
CA GLY B 283 12.89 0.81 23.29
C GLY B 283 11.43 1.10 23.00
N ALA B 284 10.64 1.24 24.06
CA ALA B 284 9.17 1.40 24.01
C ALA B 284 8.81 2.90 24.04
N GLN B 285 8.47 3.44 25.20
CA GLN B 285 7.92 4.81 25.25
C GLN B 285 8.92 5.84 24.75
N PRO B 286 10.26 5.67 24.95
CA PRO B 286 11.21 6.64 24.42
C PRO B 286 11.16 6.80 22.90
N SER B 287 10.88 5.74 22.14
CA SER B 287 10.79 5.75 20.66
C SER B 287 9.53 6.49 20.20
N LEU B 288 8.52 6.73 21.06
CA LEU B 288 7.24 7.31 20.58
C LEU B 288 7.50 8.73 20.08
N PRO B 289 7.21 9.01 18.78
CA PRO B 289 7.56 10.30 18.17
C PRO B 289 6.66 11.46 18.59
N PHE B 290 7.23 12.67 18.54
CA PHE B 290 6.53 13.94 18.82
C PHE B 290 5.87 14.39 17.53
N ARG B 291 4.94 15.37 17.60
CA ARG B 291 4.17 15.77 16.41
C ARG B 291 4.99 16.45 15.33
N ASP B 292 6.02 17.23 15.70
CA ASP B 292 6.85 17.98 14.70
C ASP B 292 7.55 16.94 13.84
N GLU B 293 8.11 15.91 14.47
CA GLU B 293 8.84 14.78 13.84
C GLU B 293 7.93 14.11 12.81
N VAL B 294 6.72 13.69 13.23
CA VAL B 294 5.74 12.92 12.39
C VAL B 294 5.37 13.80 11.19
N GLU B 295 5.12 15.09 11.42
CA GLU B 295 4.68 16.04 10.36
C GLU B 295 5.78 16.22 9.31
N ALA B 296 7.03 16.31 9.71
CA ALA B 296 8.22 16.40 8.81
C ALA B 296 8.26 15.15 7.91
N LEU B 297 8.08 13.96 8.47
CA LEU B 297 8.12 12.72 7.70
C LEU B 297 6.93 12.70 6.73
N LEU B 298 5.77 13.19 7.19
CA LEU B 298 4.43 13.03 6.53
C LEU B 298 4.40 13.82 5.22
N PHE B 299 4.87 15.07 5.27
CA PHE B 299 4.74 16.08 4.20
C PHE B 299 6.11 16.37 3.57
N GLY B 300 7.17 15.72 4.07
CA GLY B 300 8.57 16.13 3.87
C GLY B 300 8.86 17.47 4.53
N MET C 1 -14.51 -20.01 68.17
CA MET C 1 -14.66 -18.92 67.13
C MET C 1 -14.14 -19.46 65.79
N ILE C 2 -14.99 -19.42 64.77
CA ILE C 2 -14.64 -19.82 63.37
C ILE C 2 -14.77 -18.60 62.45
N LEU C 3 -13.87 -18.49 61.46
CA LEU C 3 -14.00 -17.55 60.33
C LEU C 3 -14.25 -18.37 59.08
N VAL C 4 -15.37 -18.09 58.40
CA VAL C 4 -15.57 -18.57 57.01
C VAL C 4 -15.15 -17.40 56.11
N VAL C 5 -14.15 -17.66 55.25
CA VAL C 5 -13.77 -16.79 54.11
C VAL C 5 -14.34 -17.47 52.87
N GLY C 6 -15.43 -16.92 52.32
CA GLY C 6 -16.06 -17.62 51.19
C GLY C 6 -17.22 -16.89 50.54
N SER C 7 -18.06 -17.68 49.88
CA SER C 7 -19.00 -17.16 48.88
C SER C 7 -20.34 -16.88 49.56
N LEU C 8 -21.05 -15.86 49.06
CA LEU C 8 -22.49 -15.65 49.30
C LEU C 8 -23.14 -15.60 47.94
N ASN C 9 -24.28 -16.25 47.75
CA ASN C 9 -24.90 -16.41 46.41
C ASN C 9 -26.43 -16.35 46.54
N MET C 10 -27.09 -15.58 45.66
CA MET C 10 -28.57 -15.63 45.56
C MET C 10 -28.98 -16.55 44.39
N ASP C 11 -29.73 -17.61 44.68
CA ASP C 11 -30.35 -18.45 43.63
C ASP C 11 -31.68 -17.82 43.18
N LEU C 12 -31.87 -17.77 41.87
CA LEU C 12 -33.08 -17.28 41.19
C LEU C 12 -33.70 -18.49 40.50
N VAL C 13 -34.93 -18.86 40.87
CA VAL C 13 -35.59 -20.11 40.41
C VAL C 13 -36.92 -19.78 39.73
N LEU C 14 -37.05 -20.29 38.50
CA LEU C 14 -38.30 -20.47 37.75
C LEU C 14 -38.52 -21.99 37.55
N ARG C 15 -39.74 -22.47 37.80
CA ARG C 15 -40.30 -23.76 37.29
C ARG C 15 -40.79 -23.60 35.86
N VAL C 16 -40.36 -24.48 34.97
CA VAL C 16 -40.78 -24.57 33.53
C VAL C 16 -41.45 -25.92 33.31
N LYS C 17 -42.31 -26.04 32.29
CA LYS C 17 -42.95 -27.34 31.94
C LYS C 17 -41.88 -28.28 31.39
N ARG C 18 -40.95 -27.78 30.56
CA ARG C 18 -39.68 -28.50 30.27
C ARG C 18 -38.64 -27.45 29.84
N LEU C 19 -37.36 -27.85 29.78
CA LEU C 19 -36.19 -26.92 29.75
C LEU C 19 -35.93 -26.34 28.36
N PRO C 20 -35.62 -25.03 28.29
CA PRO C 20 -35.40 -24.37 27.02
C PRO C 20 -34.14 -24.96 26.34
N ARG C 21 -34.19 -25.19 25.04
CA ARG C 21 -32.99 -25.57 24.27
C ARG C 21 -32.48 -24.33 23.55
N PRO C 22 -31.33 -24.42 22.86
CA PRO C 22 -30.77 -23.26 22.14
C PRO C 22 -31.74 -22.64 21.13
N GLY C 23 -31.91 -21.32 21.18
CA GLY C 23 -32.83 -20.51 20.34
C GLY C 23 -34.30 -20.63 20.76
N GLU C 24 -34.58 -21.35 21.85
CA GLU C 24 -35.94 -21.62 22.35
C GLU C 24 -36.30 -20.62 23.45
N THR C 25 -37.57 -20.18 23.49
CA THR C 25 -38.19 -19.35 24.57
C THR C 25 -39.34 -20.16 25.18
N VAL C 26 -39.24 -20.54 26.46
CA VAL C 26 -40.25 -21.37 27.18
C VAL C 26 -40.97 -20.52 28.22
N LEU C 27 -42.17 -20.96 28.59
CA LEU C 27 -42.97 -20.36 29.67
C LEU C 27 -42.49 -20.96 30.99
N GLY C 28 -42.30 -20.12 32.01
CA GLY C 28 -42.07 -20.53 33.40
C GLY C 28 -43.07 -19.87 34.34
N GLU C 29 -43.02 -20.19 35.64
CA GLU C 29 -43.86 -19.54 36.66
C GLU C 29 -43.11 -19.53 37.99
N ASP C 30 -43.62 -18.75 38.94
CA ASP C 30 -43.33 -18.85 40.39
C ASP C 30 -41.89 -18.46 40.68
N TYR C 31 -41.49 -17.26 40.30
CA TYR C 31 -40.13 -16.73 40.59
C TYR C 31 -39.93 -16.73 42.10
N GLN C 32 -38.83 -17.30 42.59
CA GLN C 32 -38.37 -17.23 44.00
C GLN C 32 -36.85 -17.06 44.05
N THR C 33 -36.39 -16.39 45.09
CA THR C 33 -34.97 -16.22 45.42
C THR C 33 -34.69 -17.12 46.63
N HIS C 34 -33.55 -17.81 46.65
CA HIS C 34 -33.07 -18.69 47.74
C HIS C 34 -31.64 -18.27 48.07
N PRO C 35 -31.31 -17.84 49.30
CA PRO C 35 -29.91 -17.58 49.66
C PRO C 35 -29.06 -18.87 49.68
N GLY C 36 -27.81 -18.78 49.24
CA GLY C 36 -26.88 -19.93 49.13
C GLY C 36 -25.46 -19.40 49.02
N GLY C 37 -24.59 -20.14 48.33
CA GLY C 37 -23.12 -20.01 48.42
C GLY C 37 -22.64 -20.90 49.54
N LYS C 38 -21.60 -21.68 49.30
CA LYS C 38 -21.12 -22.69 50.26
C LYS C 38 -20.56 -21.95 51.49
N GLY C 39 -19.88 -20.83 51.29
CA GLY C 39 -19.40 -19.98 52.40
C GLY C 39 -20.51 -19.66 53.41
N ALA C 40 -21.62 -19.07 52.94
CA ALA C 40 -22.79 -18.64 53.74
C ALA C 40 -23.51 -19.85 54.34
N ASN C 41 -23.84 -20.83 53.53
CA ASN C 41 -24.40 -22.11 54.03
C ASN C 41 -23.52 -22.65 55.14
N GLN C 42 -22.21 -22.75 54.95
CA GLN C 42 -21.34 -23.35 55.99
C GLN C 42 -21.43 -22.49 57.25
N ALA C 43 -21.58 -21.18 57.10
CA ALA C 43 -21.69 -20.22 58.22
C ALA C 43 -23.02 -20.44 58.94
N VAL C 44 -24.13 -20.59 58.21
CA VAL C 44 -25.46 -20.84 58.83
C VAL C 44 -25.40 -22.21 59.52
N ALA C 45 -24.74 -23.21 58.93
CA ALA C 45 -24.66 -24.54 59.56
C ALA C 45 -24.02 -24.38 60.94
N ILE C 46 -22.89 -23.68 61.02
CA ILE C 46 -22.13 -23.49 62.29
C ILE C 46 -23.03 -22.81 63.33
N ALA C 47 -23.66 -21.68 62.98
CA ALA C 47 -24.57 -20.91 63.87
C ALA C 47 -25.73 -21.79 64.35
N ARG C 48 -26.31 -22.63 63.50
CA ARG C 48 -27.44 -23.51 63.91
C ARG C 48 -26.94 -24.60 64.89
N LEU C 49 -25.64 -24.88 64.88
CA LEU C 49 -25.01 -25.92 65.74
C LEU C 49 -24.46 -25.27 67.00
N GLY C 50 -24.77 -23.99 67.22
CA GLY C 50 -24.48 -23.28 68.49
C GLY C 50 -23.12 -22.61 68.45
N GLY C 51 -22.46 -22.61 67.30
CA GLY C 51 -21.08 -22.08 67.21
C GLY C 51 -21.06 -20.56 67.12
N LYS C 52 -19.88 -19.99 67.31
CA LYS C 52 -19.57 -18.56 67.02
C LYS C 52 -18.80 -18.50 65.70
N VAL C 53 -19.37 -17.84 64.70
CA VAL C 53 -18.81 -17.80 63.31
C VAL C 53 -18.95 -16.38 62.74
N ARG C 54 -17.85 -15.92 62.17
CA ARG C 54 -17.75 -14.68 61.36
C ARG C 54 -17.70 -15.07 59.90
N MET C 55 -18.45 -14.35 59.08
CA MET C 55 -18.51 -14.55 57.63
C MET C 55 -17.70 -13.41 56.99
N LEU C 56 -16.63 -13.75 56.31
CA LEU C 56 -15.83 -12.80 55.48
C LEU C 56 -16.07 -13.13 54.02
N GLY C 57 -16.75 -12.23 53.32
CA GLY C 57 -17.06 -12.41 51.88
C GLY C 57 -17.63 -11.13 51.34
N ARG C 58 -17.98 -11.11 50.05
CA ARG C 58 -18.56 -9.90 49.39
C ARG C 58 -19.99 -10.14 48.93
N VAL C 59 -20.86 -9.18 49.19
CA VAL C 59 -22.19 -9.10 48.54
C VAL C 59 -22.14 -7.83 47.68
N GLY C 60 -23.00 -7.75 46.67
CA GLY C 60 -23.15 -6.53 45.85
C GLY C 60 -23.89 -5.42 46.60
N GLU C 61 -24.03 -4.25 45.99
CA GLU C 61 -24.77 -3.10 46.54
C GLU C 61 -26.22 -3.18 46.03
N ASP C 62 -26.77 -4.38 45.99
CA ASP C 62 -28.09 -4.68 45.37
C ASP C 62 -29.02 -5.17 46.48
N PRO C 63 -30.37 -5.21 46.27
CA PRO C 63 -31.23 -5.80 47.28
C PRO C 63 -30.85 -7.26 47.59
N PHE C 64 -30.27 -8.00 46.65
CA PHE C 64 -29.79 -9.38 46.88
C PHE C 64 -28.72 -9.34 47.95
N GLY C 65 -27.78 -8.41 47.83
CA GLY C 65 -26.69 -8.28 48.83
C GLY C 65 -27.24 -8.04 50.22
N GLN C 66 -28.22 -7.15 50.38
CA GLN C 66 -28.78 -6.80 51.72
C GLN C 66 -29.52 -8.01 52.27
N ALA C 67 -30.23 -8.78 51.44
CA ALA C 67 -30.98 -9.98 51.86
C ALA C 67 -30.01 -11.09 52.32
N LEU C 68 -28.91 -11.34 51.60
CA LEU C 68 -27.86 -12.36 51.98
C LEU C 68 -27.20 -12.03 53.33
N LYS C 69 -26.78 -10.79 53.52
CA LYS C 69 -26.17 -10.33 54.78
C LYS C 69 -27.19 -10.47 55.89
N SER C 70 -28.39 -9.90 55.74
CA SER C 70 -29.50 -9.97 56.73
C SER C 70 -29.88 -11.40 57.04
N GLY C 71 -30.01 -12.26 56.02
CA GLY C 71 -30.21 -13.72 56.21
C GLY C 71 -29.19 -14.31 57.20
N LEU C 72 -27.90 -14.15 56.95
CA LEU C 72 -26.84 -14.63 57.87
C LEU C 72 -27.04 -14.02 59.27
N ALA C 73 -27.23 -12.71 59.42
CA ALA C 73 -27.34 -12.03 60.73
C ALA C 73 -28.55 -12.59 61.50
N GLN C 74 -29.68 -12.86 60.83
CA GLN C 74 -30.91 -13.47 61.44
C GLN C 74 -30.54 -14.84 62.03
N GLU C 75 -29.62 -15.59 61.40
CA GLU C 75 -29.18 -16.92 61.89
C GLU C 75 -28.14 -16.74 63.01
N GLY C 76 -27.79 -15.52 63.39
CA GLY C 76 -26.82 -15.33 64.49
C GLY C 76 -25.37 -15.31 64.03
N VAL C 77 -25.10 -15.29 62.72
CA VAL C 77 -23.71 -15.18 62.20
C VAL C 77 -23.26 -13.73 62.41
N ASP C 78 -22.01 -13.52 62.78
CA ASP C 78 -21.41 -12.16 62.82
C ASP C 78 -21.13 -11.75 61.35
N VAL C 79 -21.66 -10.60 60.92
CA VAL C 79 -21.56 -10.10 59.52
C VAL C 79 -20.79 -8.78 59.47
N ALA C 80 -20.01 -8.44 60.51
CA ALA C 80 -19.10 -7.27 60.55
C ALA C 80 -18.21 -7.26 59.29
N TRP C 81 -17.82 -8.45 58.79
CA TRP C 81 -16.76 -8.58 57.75
C TRP C 81 -17.37 -8.97 56.41
N VAL C 82 -18.71 -8.96 56.28
CA VAL C 82 -19.39 -8.96 54.95
C VAL C 82 -19.17 -7.58 54.33
N LEU C 83 -18.41 -7.54 53.24
CA LEU C 83 -18.08 -6.30 52.50
C LEU C 83 -19.11 -6.10 51.37
N GLU C 84 -19.78 -4.95 51.40
CA GLU C 84 -20.56 -4.43 50.24
C GLU C 84 -19.61 -4.15 49.07
N THR C 85 -20.04 -4.48 47.87
CA THR C 85 -19.18 -4.42 46.66
C THR C 85 -19.92 -3.71 45.53
N PRO C 86 -19.25 -2.82 44.76
CA PRO C 86 -19.88 -2.27 43.55
C PRO C 86 -20.45 -3.37 42.65
N GLY C 87 -21.64 -3.16 42.11
CA GLY C 87 -22.28 -4.07 41.16
C GLY C 87 -23.05 -5.18 41.88
N PRO C 88 -23.47 -6.24 41.17
CA PRO C 88 -24.43 -7.17 41.72
C PRO C 88 -23.83 -8.22 42.67
N SER C 89 -24.66 -8.88 43.49
CA SER C 89 -24.21 -10.06 44.25
C SER C 89 -24.00 -11.23 43.27
N GLY C 90 -23.26 -12.26 43.68
CA GLY C 90 -23.28 -13.56 42.99
C GLY C 90 -24.70 -14.07 42.84
N THR C 91 -25.09 -14.51 41.65
CA THR C 91 -26.44 -15.00 41.29
C THR C 91 -26.33 -16.39 40.64
N GLY C 92 -27.23 -17.31 41.03
CA GLY C 92 -27.54 -18.55 40.29
C GLY C 92 -28.86 -18.42 39.56
N PHE C 93 -28.89 -18.80 38.27
CA PHE C 93 -30.10 -18.95 37.41
C PHE C 93 -30.45 -20.44 37.35
N ILE C 94 -31.60 -20.82 37.91
CA ILE C 94 -32.06 -22.23 38.00
C ILE C 94 -33.42 -22.33 37.29
N LEU C 95 -33.50 -23.16 36.24
CA LEU C 95 -34.78 -23.66 35.67
C LEU C 95 -34.98 -25.11 36.09
N VAL C 96 -36.12 -25.44 36.70
CA VAL C 96 -36.51 -26.84 37.07
C VAL C 96 -37.71 -27.25 36.21
N ASP C 97 -37.73 -28.50 35.70
CA ASP C 97 -38.91 -29.17 35.06
C ASP C 97 -39.62 -30.01 36.12
N PRO C 98 -40.92 -30.38 35.93
CA PRO C 98 -41.71 -31.03 36.98
C PRO C 98 -41.35 -32.51 37.20
N GLU C 99 -40.62 -33.12 36.26
CA GLU C 99 -40.04 -34.48 36.43
C GLU C 99 -38.80 -34.36 37.33
N GLY C 100 -38.33 -33.12 37.56
CA GLY C 100 -37.37 -32.76 38.64
C GLY C 100 -35.93 -32.79 38.16
N GLN C 101 -35.58 -31.88 37.25
CA GLN C 101 -34.23 -31.75 36.66
C GLN C 101 -34.10 -30.34 36.09
N ASN C 102 -32.90 -29.77 36.17
CA ASN C 102 -32.70 -28.30 36.05
C ASN C 102 -31.59 -28.01 35.03
N GLN C 103 -31.56 -26.77 34.57
CA GLN C 103 -30.40 -26.13 33.93
C GLN C 103 -29.96 -24.95 34.82
N ILE C 104 -28.65 -24.82 35.04
CA ILE C 104 -28.10 -23.86 36.04
C ILE C 104 -26.95 -23.11 35.40
N ALA C 105 -26.96 -21.78 35.53
CA ALA C 105 -25.78 -20.93 35.36
C ALA C 105 -25.55 -20.20 36.68
N VAL C 106 -24.30 -20.20 37.15
CA VAL C 106 -23.90 -19.55 38.42
C VAL C 106 -22.90 -18.46 38.05
N ALA C 107 -23.22 -17.19 38.32
CA ALA C 107 -22.25 -16.09 38.12
C ALA C 107 -21.64 -15.72 39.47
N PRO C 108 -20.31 -15.63 39.59
CA PRO C 108 -19.68 -15.34 40.88
C PRO C 108 -20.08 -13.96 41.40
N GLY C 109 -20.32 -13.02 40.50
CA GLY C 109 -20.71 -11.65 40.89
C GLY C 109 -19.70 -11.04 41.84
N ALA C 110 -20.16 -10.40 42.90
CA ALA C 110 -19.33 -9.78 43.95
C ALA C 110 -18.25 -10.76 44.46
N ASN C 111 -18.53 -12.08 44.46
CA ASN C 111 -17.58 -13.10 44.99
C ASN C 111 -16.24 -12.98 44.26
N ALA C 112 -16.23 -12.63 42.97
CA ALA C 112 -14.97 -12.63 42.17
C ALA C 112 -14.13 -11.40 42.51
N ARG C 113 -14.73 -10.40 43.17
CA ARG C 113 -14.05 -9.19 43.71
C ARG C 113 -13.49 -9.42 45.13
N LEU C 114 -13.61 -10.62 45.72
CA LEU C 114 -12.97 -10.87 47.04
C LEU C 114 -11.48 -11.15 46.84
N VAL C 115 -10.64 -10.17 47.06
CA VAL C 115 -9.20 -10.24 46.70
C VAL C 115 -8.39 -10.45 47.98
N PRO C 116 -7.13 -10.88 47.89
CA PRO C 116 -6.33 -11.09 49.10
C PRO C 116 -6.33 -9.90 50.08
N GLU C 117 -6.41 -8.66 49.57
CA GLU C 117 -6.21 -7.42 50.36
C GLU C 117 -7.50 -7.07 51.12
N ASP C 118 -8.61 -7.75 50.79
CA ASP C 118 -9.91 -7.60 51.48
C ASP C 118 -9.85 -8.29 52.85
N LEU C 119 -8.85 -9.12 53.14
CA LEU C 119 -8.83 -9.97 54.36
C LEU C 119 -8.04 -9.24 55.46
N PRO C 120 -8.67 -8.55 56.44
CA PRO C 120 -7.93 -7.83 57.48
C PRO C 120 -7.61 -8.73 58.69
N ALA C 121 -6.39 -8.61 59.21
CA ALA C 121 -5.90 -9.36 60.39
C ALA C 121 -7.01 -9.51 61.44
N THR C 122 -7.83 -8.47 61.62
CA THR C 122 -8.86 -8.34 62.69
C THR C 122 -9.90 -9.49 62.58
N ALA C 123 -10.19 -9.98 61.37
CA ALA C 123 -11.20 -11.04 61.13
C ALA C 123 -10.69 -12.37 61.71
N PHE C 124 -9.37 -12.60 61.66
CA PHE C 124 -8.69 -13.84 62.09
C PHE C 124 -8.33 -13.79 63.60
N GLN C 125 -8.42 -12.62 64.27
CA GLN C 125 -8.08 -12.51 65.72
C GLN C 125 -9.04 -13.35 66.59
N GLY C 126 -8.48 -14.24 67.41
CA GLY C 126 -9.16 -15.16 68.34
C GLY C 126 -9.79 -16.33 67.63
N VAL C 127 -9.45 -16.62 66.37
CA VAL C 127 -10.16 -17.66 65.55
C VAL C 127 -9.44 -19.00 65.73
N GLY C 128 -10.19 -20.04 66.11
CA GLY C 128 -9.67 -21.42 66.21
C GLY C 128 -9.56 -22.08 64.86
N VAL C 129 -10.51 -21.81 63.96
CA VAL C 129 -10.64 -22.56 62.68
C VAL C 129 -11.05 -21.58 61.58
N VAL C 130 -10.31 -21.61 60.47
CA VAL C 130 -10.67 -20.84 59.26
C VAL C 130 -11.26 -21.86 58.28
N LEU C 131 -12.52 -21.69 57.90
CA LEU C 131 -13.20 -22.64 57.00
C LEU C 131 -13.34 -22.00 55.60
N LEU C 132 -12.93 -22.73 54.56
CA LEU C 132 -12.78 -22.21 53.18
C LEU C 132 -13.37 -23.20 52.20
N GLN C 133 -13.84 -22.71 51.06
CA GLN C 133 -14.21 -23.57 49.90
C GLN C 133 -13.64 -22.91 48.64
N LEU C 134 -14.09 -23.29 47.45
CA LEU C 134 -13.45 -22.81 46.19
C LEU C 134 -14.45 -22.02 45.35
N GLU C 135 -15.32 -21.24 45.98
CA GLU C 135 -16.25 -20.29 45.32
C GLU C 135 -15.74 -18.84 45.43
N ILE C 136 -14.47 -18.65 45.77
CA ILE C 136 -13.77 -17.33 45.73
C ILE C 136 -12.49 -17.54 44.94
N PRO C 137 -11.83 -16.46 44.45
CA PRO C 137 -10.55 -16.60 43.72
C PRO C 137 -9.52 -17.38 44.55
N LEU C 138 -8.71 -18.22 43.92
CA LEU C 138 -7.72 -19.08 44.62
C LEU C 138 -6.67 -18.21 45.36
N GLU C 139 -6.27 -17.08 44.78
CA GLU C 139 -5.31 -16.15 45.45
C GLU C 139 -5.85 -15.84 46.85
N THR C 140 -7.18 -15.70 47.00
CA THR C 140 -7.84 -15.28 48.27
C THR C 140 -7.84 -16.44 49.29
N VAL C 141 -8.21 -17.64 48.84
CA VAL C 141 -8.05 -18.92 49.60
C VAL C 141 -6.63 -18.95 50.16
N VAL C 142 -5.61 -18.75 49.30
CA VAL C 142 -4.16 -18.89 49.66
C VAL C 142 -3.86 -17.87 50.76
N ARG C 143 -4.32 -16.63 50.57
CA ARG C 143 -4.07 -15.54 51.55
C ARG C 143 -4.87 -15.80 52.85
N ALA C 144 -6.08 -16.36 52.76
CA ALA C 144 -6.83 -16.79 53.97
C ALA C 144 -5.97 -17.80 54.75
N ALA C 145 -5.40 -18.78 54.07
CA ALA C 145 -4.64 -19.88 54.74
C ALA C 145 -3.43 -19.27 55.46
N ALA C 146 -2.70 -18.33 54.85
CA ALA C 146 -1.49 -17.73 55.47
C ALA C 146 -1.90 -16.89 56.69
N LEU C 147 -2.96 -16.06 56.55
CA LEU C 147 -3.41 -15.16 57.65
C LEU C 147 -3.99 -15.99 58.80
N GLY C 148 -4.67 -17.10 58.50
CA GLY C 148 -5.16 -18.00 59.54
C GLY C 148 -4.01 -18.62 60.33
N ARG C 149 -3.00 -19.13 59.63
CA ARG C 149 -1.81 -19.77 60.26
C ARG C 149 -1.18 -18.77 61.22
N LYS C 150 -0.86 -17.57 60.76
CA LYS C 150 -0.17 -16.56 61.60
C LYS C 150 -0.98 -16.29 62.88
N ALA C 151 -2.29 -16.51 62.90
CA ALA C 151 -3.16 -16.15 64.05
C ALA C 151 -3.39 -17.38 64.95
N GLY C 152 -2.84 -18.53 64.56
CA GLY C 152 -2.87 -19.79 65.31
C GLY C 152 -4.09 -20.63 64.97
N ALA C 153 -4.89 -20.24 63.98
CA ALA C 153 -6.07 -21.03 63.56
C ALA C 153 -5.62 -22.28 62.79
N ARG C 154 -6.41 -23.34 62.91
CA ARG C 154 -6.39 -24.51 62.00
C ARG C 154 -7.09 -24.11 60.69
N ILE C 155 -6.60 -24.61 59.55
CA ILE C 155 -7.08 -24.22 58.21
C ILE C 155 -7.83 -25.41 57.65
N LEU C 156 -9.16 -25.29 57.47
CA LEU C 156 -9.99 -26.35 56.88
C LEU C 156 -10.40 -25.94 55.47
N LEU C 157 -9.80 -26.56 54.45
CA LEU C 157 -10.19 -26.33 53.04
C LEU C 157 -11.18 -27.43 52.61
N ASN C 158 -12.42 -27.05 52.37
CA ASN C 158 -13.43 -27.90 51.70
C ASN C 158 -13.28 -27.64 50.21
N ALA C 159 -12.56 -28.49 49.49
CA ALA C 159 -12.27 -28.27 48.05
C ALA C 159 -13.53 -28.60 47.26
N ALA C 160 -14.51 -27.68 47.26
CA ALA C 160 -15.86 -27.78 46.66
C ALA C 160 -16.24 -26.42 46.09
N PRO C 161 -16.85 -26.35 44.86
CA PRO C 161 -17.11 -27.54 44.04
C PRO C 161 -15.80 -28.04 43.42
N ALA C 162 -15.90 -29.01 42.51
CA ALA C 162 -14.74 -29.71 41.92
C ALA C 162 -13.84 -28.72 41.16
N HIS C 163 -12.64 -28.44 41.70
CA HIS C 163 -11.56 -27.65 41.03
C HIS C 163 -10.22 -28.35 41.25
N ALA C 164 -9.29 -28.24 40.30
CA ALA C 164 -7.86 -28.63 40.46
C ALA C 164 -7.16 -27.62 41.39
N LEU C 165 -6.11 -28.05 42.10
CA LEU C 165 -5.40 -27.24 43.12
C LEU C 165 -3.89 -27.37 42.96
N PRO C 166 -3.15 -26.24 42.87
CA PRO C 166 -1.69 -26.29 42.96
C PRO C 166 -1.21 -26.68 44.37
N SER C 167 0.07 -27.01 44.52
CA SER C 167 0.69 -27.46 45.79
C SER C 167 0.66 -26.30 46.80
N GLU C 168 1.03 -25.10 46.35
CA GLU C 168 0.79 -23.80 47.03
C GLU C 168 -0.39 -23.92 48.01
N ILE C 169 -1.56 -24.29 47.49
CA ILE C 169 -2.81 -24.37 48.30
C ILE C 169 -2.81 -25.69 49.06
N LEU C 170 -2.60 -26.82 48.37
CA LEU C 170 -2.63 -28.19 48.95
C LEU C 170 -1.68 -28.35 50.16
N GLN C 171 -0.57 -27.62 50.17
CA GLN C 171 0.49 -27.57 51.23
C GLN C 171 0.03 -26.88 52.51
N SER C 172 -0.74 -25.78 52.38
CA SER C 172 -0.89 -24.71 53.40
C SER C 172 -1.97 -25.04 54.43
N VAL C 173 -2.60 -26.20 54.29
CA VAL C 173 -3.92 -26.59 54.87
C VAL C 173 -3.72 -27.71 55.91
N ASP C 174 -4.42 -27.61 57.05
CA ASP C 174 -4.37 -28.64 58.13
C ASP C 174 -5.36 -29.78 57.81
N LEU C 175 -6.44 -29.50 57.09
CA LEU C 175 -7.51 -30.51 56.81
C LEU C 175 -8.06 -30.22 55.41
N LEU C 176 -8.08 -31.23 54.55
CA LEU C 176 -8.62 -31.14 53.18
C LEU C 176 -9.90 -31.97 53.13
N LEU C 177 -11.03 -31.30 52.97
CA LEU C 177 -12.38 -31.94 53.01
C LEU C 177 -12.93 -32.03 51.58
N VAL C 178 -13.16 -33.25 51.08
CA VAL C 178 -13.64 -33.46 49.67
C VAL C 178 -14.75 -34.53 49.65
N ASN C 179 -15.50 -34.62 48.55
CA ASN C 179 -16.48 -35.70 48.27
C ASN C 179 -15.87 -36.60 47.18
N GLU C 180 -16.63 -37.54 46.64
CA GLU C 180 -16.07 -38.62 45.79
C GLU C 180 -15.63 -38.00 44.47
N VAL C 181 -16.42 -37.04 43.97
CA VAL C 181 -16.15 -36.33 42.70
C VAL C 181 -14.83 -35.58 42.86
N GLU C 182 -14.67 -34.79 43.91
CA GLU C 182 -13.54 -33.84 44.08
C GLU C 182 -12.25 -34.64 44.34
N ALA C 183 -12.33 -35.68 45.17
CA ALA C 183 -11.22 -36.62 45.42
C ALA C 183 -10.72 -37.20 44.09
N ALA C 184 -11.64 -37.73 43.28
CA ALA C 184 -11.37 -38.39 41.98
C ALA C 184 -10.60 -37.45 41.07
N GLN C 185 -10.97 -36.17 41.04
CA GLN C 185 -10.43 -35.14 40.11
C GLN C 185 -9.03 -34.70 40.55
N LEU C 186 -8.73 -34.73 41.84
CA LEU C 186 -7.46 -34.22 42.40
C LEU C 186 -6.37 -35.29 42.24
N THR C 187 -6.79 -36.56 42.19
CA THR C 187 -5.91 -37.77 42.08
C THR C 187 -6.01 -38.39 40.67
N GLU C 188 -6.93 -37.92 39.82
CA GLU C 188 -7.15 -38.37 38.42
C GLU C 188 -7.60 -39.84 38.40
N ALA C 189 -7.93 -40.39 39.57
CA ALA C 189 -8.53 -41.73 39.77
C ALA C 189 -9.98 -41.71 39.30
N SER C 190 -10.73 -42.78 39.57
CA SER C 190 -12.14 -43.01 39.15
C SER C 190 -13.05 -42.91 40.38
N PRO C 191 -14.34 -42.51 40.23
CA PRO C 191 -15.28 -42.52 41.35
C PRO C 191 -15.13 -43.74 42.24
N PRO C 192 -14.83 -43.59 43.55
CA PRO C 192 -14.73 -44.74 44.46
C PRO C 192 -16.10 -45.32 44.86
N ARG C 193 -16.16 -46.63 45.10
CA ARG C 193 -17.43 -47.33 45.38
C ARG C 193 -17.45 -47.83 46.82
N THR C 194 -16.38 -48.50 47.25
CA THR C 194 -16.27 -49.19 48.57
C THR C 194 -15.55 -48.30 49.57
N PRO C 195 -15.69 -48.60 50.88
CA PRO C 195 -14.88 -47.92 51.90
C PRO C 195 -13.38 -48.03 51.59
N GLU C 196 -12.92 -49.20 51.09
CA GLU C 196 -11.49 -49.53 50.81
C GLU C 196 -10.96 -48.59 49.72
N GLU C 197 -11.70 -48.54 48.60
CA GLU C 197 -11.39 -47.70 47.42
C GLU C 197 -11.32 -46.24 47.89
N ALA C 198 -12.20 -45.87 48.84
CA ALA C 198 -12.29 -44.53 49.49
C ALA C 198 -11.01 -44.22 50.26
N LEU C 199 -10.63 -45.07 51.20
CA LEU C 199 -9.40 -44.84 52.01
C LEU C 199 -8.21 -44.65 51.08
N ALA C 200 -8.03 -45.54 50.11
CA ALA C 200 -6.92 -45.49 49.14
C ALA C 200 -6.99 -44.17 48.38
N LEU C 201 -8.20 -43.67 48.12
CA LEU C 201 -8.38 -42.36 47.46
C LEU C 201 -7.92 -41.26 48.41
N ALA C 202 -8.32 -41.30 49.68
CA ALA C 202 -7.97 -40.28 50.70
C ALA C 202 -6.45 -40.31 50.96
N ARG C 203 -5.88 -41.52 51.12
CA ARG C 203 -4.43 -41.75 51.45
C ARG C 203 -3.58 -41.33 50.26
N GLN C 204 -4.03 -41.64 49.04
CA GLN C 204 -3.41 -41.14 47.78
C GLN C 204 -3.38 -39.61 47.84
N LEU C 205 -4.55 -38.99 48.04
CA LEU C 205 -4.73 -37.52 48.10
C LEU C 205 -3.83 -36.92 49.19
N ARG C 206 -3.70 -37.58 50.33
CA ARG C 206 -2.81 -37.11 51.43
C ARG C 206 -1.34 -37.08 50.96
N GLY C 207 -0.97 -37.91 49.97
CA GLY C 207 0.35 -37.85 49.30
C GLY C 207 0.60 -36.49 48.67
N ARG C 208 -0.43 -35.94 48.01
CA ARG C 208 -0.42 -34.57 47.43
C ARG C 208 -0.29 -33.56 48.58
N ALA C 209 -0.88 -33.84 49.76
CA ALA C 209 -1.03 -32.89 50.89
C ALA C 209 -0.59 -33.52 52.22
N PRO C 210 0.68 -33.98 52.34
CA PRO C 210 1.06 -34.87 53.44
C PRO C 210 1.17 -34.25 54.84
N GLN C 211 1.10 -32.91 55.00
CA GLN C 211 0.95 -32.22 56.32
C GLN C 211 -0.48 -32.34 56.85
N ALA C 212 -1.45 -32.64 55.98
CA ALA C 212 -2.88 -32.37 56.21
C ALA C 212 -3.60 -33.66 56.62
N GLN C 213 -4.62 -33.58 57.49
CA GLN C 213 -5.64 -34.67 57.61
C GLN C 213 -6.56 -34.58 56.40
N VAL C 214 -6.82 -35.71 55.74
CA VAL C 214 -7.69 -35.78 54.53
C VAL C 214 -8.97 -36.49 54.92
N VAL C 215 -10.11 -35.79 54.77
CA VAL C 215 -11.45 -36.37 55.02
C VAL C 215 -12.13 -36.48 53.66
N LEU C 216 -12.81 -37.59 53.42
CA LEU C 216 -13.51 -37.85 52.14
C LEU C 216 -14.90 -38.37 52.49
N THR C 217 -15.93 -37.62 52.09
CA THR C 217 -17.37 -37.90 52.32
C THR C 217 -17.83 -38.89 51.24
N LEU C 218 -18.77 -39.76 51.59
CA LEU C 218 -19.17 -40.92 50.76
C LEU C 218 -20.69 -41.02 50.72
N GLY C 219 -21.38 -39.87 50.70
CA GLY C 219 -22.84 -39.77 50.96
C GLY C 219 -23.30 -40.85 51.92
N ALA C 220 -23.96 -41.89 51.39
CA ALA C 220 -24.71 -42.90 52.18
C ALA C 220 -23.76 -43.81 52.95
N GLN C 221 -22.46 -43.85 52.62
CA GLN C 221 -21.47 -44.68 53.40
C GLN C 221 -20.66 -43.81 54.37
N GLY C 222 -21.06 -42.55 54.60
CA GLY C 222 -20.49 -41.70 55.65
C GLY C 222 -19.30 -40.93 55.13
N ALA C 223 -18.16 -41.08 55.80
CA ALA C 223 -16.89 -40.48 55.35
C ALA C 223 -15.72 -41.40 55.69
N VAL C 224 -14.58 -41.16 55.06
CA VAL C 224 -13.29 -41.77 55.49
C VAL C 224 -12.31 -40.65 55.87
N TRP C 225 -11.45 -40.95 56.84
CA TRP C 225 -10.28 -40.14 57.24
C TRP C 225 -9.00 -40.91 56.94
N SER C 226 -7.97 -40.22 56.40
CA SER C 226 -6.56 -40.64 56.28
C SER C 226 -5.65 -39.54 56.82
N GLY C 227 -4.72 -39.88 57.71
CA GLY C 227 -3.80 -38.96 58.39
C GLY C 227 -3.09 -39.63 59.56
N THR C 228 -3.41 -39.22 60.80
CA THR C 228 -2.88 -39.86 62.02
C THR C 228 -3.44 -41.29 62.16
N GLU C 229 -4.64 -41.57 61.67
CA GLU C 229 -5.12 -42.98 61.44
C GLU C 229 -5.81 -43.07 60.09
N GLU C 230 -6.08 -44.30 59.63
CA GLU C 230 -6.85 -44.60 58.39
C GLU C 230 -8.13 -45.31 58.83
N SER C 231 -9.30 -44.64 58.69
CA SER C 231 -10.55 -45.09 59.35
C SER C 231 -11.79 -44.70 58.56
N HIS C 232 -12.80 -45.57 58.62
CA HIS C 232 -14.15 -45.38 58.06
C HIS C 232 -15.05 -44.86 59.19
N PHE C 233 -16.01 -43.98 58.89
CA PHE C 233 -17.09 -43.55 59.83
C PHE C 233 -18.40 -43.79 59.08
N PRO C 234 -19.22 -44.76 59.52
CA PRO C 234 -20.46 -45.10 58.82
C PRO C 234 -21.47 -43.95 58.95
N ALA C 235 -22.30 -43.81 57.91
CA ALA C 235 -23.44 -42.86 57.86
C ALA C 235 -24.36 -43.16 59.03
N PHE C 236 -25.15 -42.16 59.46
CA PHE C 236 -26.35 -42.39 60.29
C PHE C 236 -27.49 -42.72 59.33
N PRO C 237 -28.29 -43.79 59.59
CA PRO C 237 -29.35 -44.22 58.67
C PRO C 237 -30.63 -43.38 58.79
N VAL C 238 -30.98 -42.67 57.73
CA VAL C 238 -32.09 -41.67 57.77
C VAL C 238 -32.89 -41.75 56.46
N ARG C 239 -34.13 -41.28 56.50
CA ARG C 239 -35.01 -41.08 55.33
C ARG C 239 -34.46 -39.87 54.54
N ALA C 240 -33.47 -40.15 53.67
CA ALA C 240 -32.75 -39.18 52.83
C ALA C 240 -33.68 -38.61 51.76
N VAL C 241 -34.32 -37.47 52.02
CA VAL C 241 -35.31 -36.86 51.09
C VAL C 241 -34.58 -35.92 50.13
N ASP C 242 -33.66 -35.09 50.60
CA ASP C 242 -33.04 -34.04 49.74
C ASP C 242 -31.62 -33.78 50.24
N THR C 243 -30.63 -34.21 49.46
CA THR C 243 -29.22 -34.22 49.86
C THR C 243 -28.62 -32.82 49.65
N THR C 244 -29.39 -31.87 49.14
CA THR C 244 -28.92 -30.47 48.99
C THR C 244 -28.39 -29.98 50.35
N ALA C 245 -27.14 -29.51 50.36
CA ALA C 245 -26.46 -28.81 51.48
C ALA C 245 -25.98 -29.82 52.51
N ALA C 246 -25.95 -31.11 52.18
CA ALA C 246 -25.51 -32.15 53.12
C ALA C 246 -24.02 -31.94 53.45
N GLY C 247 -23.23 -31.64 52.41
CA GLY C 247 -21.77 -31.41 52.46
C GLY C 247 -21.46 -30.14 53.24
N ASP C 248 -22.35 -29.16 53.19
CA ASP C 248 -22.21 -27.88 53.93
C ASP C 248 -22.41 -28.14 55.42
N ALA C 249 -23.45 -28.89 55.78
CA ALA C 249 -23.75 -29.32 57.16
C ALA C 249 -22.53 -30.08 57.69
N PHE C 250 -22.08 -31.09 56.94
CA PHE C 250 -20.91 -31.93 57.29
C PHE C 250 -19.73 -31.00 57.55
N ALA C 251 -19.46 -30.07 56.63
CA ALA C 251 -18.28 -29.18 56.71
C ALA C 251 -18.37 -28.25 57.93
N GLY C 252 -19.45 -27.50 58.09
CA GLY C 252 -19.67 -26.67 59.29
C GLY C 252 -19.51 -27.47 60.58
N ALA C 253 -20.10 -28.66 60.65
CA ALA C 253 -20.09 -29.51 61.86
C ALA C 253 -18.64 -29.88 62.16
N LEU C 254 -17.91 -30.35 61.14
CA LEU C 254 -16.53 -30.80 61.31
C LEU C 254 -15.74 -29.61 61.87
N ALA C 255 -15.83 -28.47 61.20
CA ALA C 255 -15.19 -27.21 61.65
C ALA C 255 -15.58 -26.95 63.11
N LEU C 256 -16.85 -27.00 63.50
CA LEU C 256 -17.26 -26.64 64.89
C LEU C 256 -16.67 -27.64 65.89
N GLY C 257 -16.61 -28.92 65.55
CA GLY C 257 -16.09 -29.95 66.46
C GLY C 257 -14.67 -29.60 66.84
N LEU C 258 -13.86 -29.37 65.82
CA LEU C 258 -12.41 -29.10 65.94
C LEU C 258 -12.23 -27.77 66.64
N ALA C 259 -13.01 -26.74 66.32
CA ALA C 259 -12.97 -25.47 67.08
C ALA C 259 -13.40 -25.70 68.54
N GLU C 260 -14.30 -26.63 68.84
CA GLU C 260 -14.72 -26.93 70.24
C GLU C 260 -13.66 -27.79 70.98
N GLY C 261 -12.61 -28.24 70.29
CA GLY C 261 -11.52 -29.05 70.85
C GLY C 261 -11.84 -30.53 70.80
N GLN C 262 -12.94 -30.90 70.14
CA GLN C 262 -13.31 -32.33 70.00
C GLN C 262 -12.22 -33.05 69.22
N ASN C 263 -11.93 -34.28 69.58
CA ASN C 263 -10.91 -35.04 68.82
C ASN C 263 -11.53 -35.38 67.47
N MET C 264 -10.67 -35.70 66.50
CA MET C 264 -11.00 -35.99 65.09
C MET C 264 -12.08 -37.06 65.00
N ARG C 265 -11.98 -38.11 65.84
CA ARG C 265 -12.95 -39.23 65.86
C ARG C 265 -14.34 -38.71 66.26
N ALA C 266 -14.45 -37.93 67.33
CA ALA C 266 -15.76 -37.42 67.81
C ALA C 266 -16.33 -36.40 66.79
N ALA C 267 -15.47 -35.58 66.19
CA ALA C 267 -15.85 -34.47 65.27
C ALA C 267 -16.47 -35.02 63.98
N LEU C 268 -15.90 -36.09 63.43
CA LEU C 268 -16.38 -36.77 62.20
C LEU C 268 -17.72 -37.43 62.48
N ARG C 269 -17.92 -38.04 63.65
CA ARG C 269 -19.24 -38.65 64.02
C ARG C 269 -20.28 -37.53 63.93
N PHE C 270 -19.94 -36.42 64.60
CA PHE C 270 -20.71 -35.16 64.66
C PHE C 270 -21.03 -34.68 63.25
N ALA C 271 -20.09 -34.65 62.31
CA ALA C 271 -20.32 -34.20 60.92
C ALA C 271 -21.34 -35.12 60.21
N ASN C 272 -21.19 -36.45 60.30
CA ASN C 272 -22.13 -37.42 59.68
C ASN C 272 -23.50 -37.32 60.31
N ALA C 273 -23.61 -36.99 61.61
CA ALA C 273 -24.91 -36.68 62.24
C ALA C 273 -25.57 -35.50 61.52
N ALA C 274 -24.81 -34.44 61.34
CA ALA C 274 -25.34 -33.17 60.79
C ALA C 274 -25.69 -33.37 59.31
N GLY C 275 -24.77 -33.96 58.55
CA GLY C 275 -24.99 -34.31 57.12
C GLY C 275 -26.20 -35.19 56.96
N ALA C 276 -26.34 -36.22 57.79
CA ALA C 276 -27.43 -37.20 57.64
C ALA C 276 -28.74 -36.44 57.81
N LEU C 277 -28.83 -35.59 58.83
CA LEU C 277 -30.09 -34.91 59.20
C LEU C 277 -30.39 -33.84 58.14
N ALA C 278 -29.35 -33.28 57.52
CA ALA C 278 -29.52 -32.25 56.47
C ALA C 278 -30.16 -32.91 55.23
N THR C 279 -30.02 -34.23 55.05
CA THR C 279 -30.69 -34.97 53.94
C THR C 279 -32.19 -35.14 54.24
N THR C 280 -32.66 -34.94 55.48
CA THR C 280 -34.07 -35.30 55.85
C THR C 280 -35.05 -34.14 55.64
N ARG C 281 -34.61 -32.96 55.19
CA ARG C 281 -35.56 -31.86 54.85
C ARG C 281 -35.24 -31.26 53.47
N PRO C 282 -36.28 -30.77 52.74
CA PRO C 282 -36.10 -30.13 51.45
C PRO C 282 -35.33 -28.79 51.55
N GLY C 283 -34.62 -28.43 50.47
CA GLY C 283 -33.93 -27.14 50.34
C GLY C 283 -32.55 -27.17 50.95
N ALA C 284 -31.86 -26.03 50.90
CA ALA C 284 -30.47 -25.86 51.37
C ALA C 284 -30.49 -25.34 52.82
N GLN C 285 -30.30 -24.03 52.99
CA GLN C 285 -30.15 -23.48 54.36
C GLN C 285 -31.32 -23.93 55.24
N PRO C 286 -32.59 -23.90 54.82
CA PRO C 286 -33.65 -24.32 55.74
C PRO C 286 -33.38 -25.73 56.29
N SER C 287 -32.68 -26.61 55.53
CA SER C 287 -32.42 -28.01 55.90
C SER C 287 -31.30 -28.18 56.95
N LEU C 288 -30.48 -27.15 57.18
CA LEU C 288 -29.35 -27.24 58.12
C LEU C 288 -29.89 -27.52 59.52
N PRO C 289 -29.39 -28.57 60.19
CA PRO C 289 -29.91 -29.00 61.48
C PRO C 289 -29.28 -28.21 62.64
N PHE C 290 -30.07 -28.09 63.69
CA PHE C 290 -29.69 -27.42 64.96
C PHE C 290 -28.98 -28.45 65.83
N ARG C 291 -28.29 -27.94 66.85
CA ARG C 291 -27.46 -28.81 67.68
C ARG C 291 -28.34 -29.77 68.48
N ASP C 292 -29.41 -29.31 69.12
CA ASP C 292 -30.27 -30.19 69.95
C ASP C 292 -30.55 -31.47 69.15
N GLU C 293 -30.87 -31.37 67.86
CA GLU C 293 -31.30 -32.52 67.03
C GLU C 293 -30.09 -33.41 66.69
N VAL C 294 -28.91 -32.83 66.51
CA VAL C 294 -27.71 -33.57 66.03
C VAL C 294 -27.21 -34.39 67.21
N GLU C 295 -27.29 -33.76 68.37
CA GLU C 295 -26.91 -34.31 69.71
C GLU C 295 -27.83 -35.49 70.09
N ALA C 296 -29.11 -35.45 69.70
CA ALA C 296 -30.14 -36.46 70.02
C ALA C 296 -29.88 -37.72 69.19
N LEU C 297 -29.62 -37.54 67.89
CA LEU C 297 -29.09 -38.59 66.98
C LEU C 297 -27.80 -39.20 67.53
N LEU C 298 -26.84 -38.38 68.04
CA LEU C 298 -25.52 -38.86 68.53
C LEU C 298 -25.68 -39.71 69.81
N PHE C 299 -26.43 -39.22 70.80
CA PHE C 299 -26.47 -39.84 72.15
C PHE C 299 -27.86 -40.48 72.38
N GLY C 300 -28.17 -41.52 71.59
CA GLY C 300 -29.43 -42.29 71.62
C GLY C 300 -30.53 -41.62 72.44
N MET D 1 6.24 25.33 -71.31
CA MET D 1 5.90 24.00 -70.70
C MET D 1 7.10 23.52 -69.87
N ILE D 2 6.86 23.02 -68.66
CA ILE D 2 7.95 22.65 -67.69
C ILE D 2 7.85 21.18 -67.36
N LEU D 3 9.00 20.59 -67.06
CA LEU D 3 9.16 19.19 -66.58
C LEU D 3 9.93 19.23 -65.27
N VAL D 4 9.28 18.83 -64.18
CA VAL D 4 9.95 18.68 -62.87
C VAL D 4 10.42 17.23 -62.82
N VAL D 5 11.71 17.03 -62.59
CA VAL D 5 12.28 15.68 -62.36
C VAL D 5 12.71 15.71 -60.90
N GLY D 6 11.81 15.22 -60.05
CA GLY D 6 11.75 15.55 -58.61
C GLY D 6 10.83 14.62 -57.83
N SER D 7 10.67 14.90 -56.53
CA SER D 7 10.23 13.92 -55.51
C SER D 7 8.73 14.10 -55.21
N LEU D 8 8.09 12.98 -54.87
CA LEU D 8 6.66 12.91 -54.46
C LEU D 8 6.58 12.24 -53.08
N ASN D 9 6.39 13.06 -52.02
CA ASN D 9 6.29 12.67 -50.60
C ASN D 9 4.97 13.17 -50.00
N MET D 10 4.19 12.27 -49.38
CA MET D 10 3.10 12.60 -48.42
C MET D 10 3.74 12.82 -47.05
N ASP D 11 3.49 13.98 -46.43
CA ASP D 11 4.18 14.42 -45.17
C ASP D 11 3.30 14.26 -43.94
N LEU D 12 3.93 13.79 -42.87
CA LEU D 12 3.37 13.56 -41.53
C LEU D 12 3.89 14.65 -40.57
N VAL D 13 3.06 15.66 -40.25
CA VAL D 13 3.48 16.87 -39.49
C VAL D 13 2.98 16.75 -38.04
N LEU D 14 3.90 16.85 -37.06
CA LEU D 14 3.71 16.53 -35.61
C LEU D 14 4.22 17.66 -34.70
N ARG D 15 3.31 18.51 -34.21
CA ARG D 15 3.62 19.70 -33.36
C ARG D 15 4.03 19.27 -31.95
N VAL D 16 5.14 19.84 -31.46
CA VAL D 16 5.73 19.63 -30.10
C VAL D 16 5.87 21.00 -29.42
N LYS D 17 6.05 21.04 -28.10
CA LYS D 17 6.17 22.32 -27.36
C LYS D 17 7.61 22.85 -27.51
N ARG D 18 8.63 22.01 -27.26
CA ARG D 18 10.03 22.27 -27.71
C ARG D 18 10.52 21.02 -28.45
N LEU D 19 11.41 21.21 -29.43
CA LEU D 19 12.01 20.11 -30.20
C LEU D 19 12.94 19.32 -29.29
N PRO D 20 12.94 17.98 -29.41
CA PRO D 20 13.77 17.13 -28.57
C PRO D 20 15.27 17.39 -28.79
N ARG D 21 16.02 17.46 -27.69
CA ARG D 21 17.50 17.26 -27.69
C ARG D 21 17.77 15.82 -28.14
N PRO D 22 18.93 15.55 -28.77
CA PRO D 22 19.47 14.18 -28.78
C PRO D 22 19.34 13.43 -27.44
N GLY D 23 18.73 12.23 -27.46
CA GLY D 23 18.59 11.31 -26.31
C GLY D 23 17.31 11.54 -25.53
N GLU D 24 16.52 12.53 -25.97
CA GLU D 24 15.34 13.05 -25.25
C GLU D 24 14.08 12.62 -26.00
N THR D 25 13.07 12.19 -25.22
CA THR D 25 11.69 11.87 -25.68
C THR D 25 10.74 12.99 -25.24
N VAL D 26 9.87 13.38 -26.15
CA VAL D 26 8.83 14.43 -25.95
C VAL D 26 7.53 13.92 -26.58
N LEU D 27 6.40 14.32 -26.00
CA LEU D 27 5.04 14.10 -26.54
C LEU D 27 4.63 15.34 -27.33
N GLY D 28 4.04 15.15 -28.50
CA GLY D 28 3.42 16.23 -29.27
C GLY D 28 1.93 16.04 -29.43
N GLU D 29 1.39 16.60 -30.52
CA GLU D 29 -0.04 16.51 -30.89
C GLU D 29 -0.21 15.39 -31.91
N ASP D 30 -1.43 15.19 -32.44
CA ASP D 30 -1.66 14.20 -33.52
C ASP D 30 -1.06 14.73 -34.84
N TYR D 31 -0.27 13.89 -35.52
CA TYR D 31 0.35 14.22 -36.83
C TYR D 31 -0.76 14.45 -37.84
N GLN D 32 -0.50 15.25 -38.88
CA GLN D 32 -1.44 15.43 -40.02
C GLN D 32 -0.71 15.05 -41.30
N THR D 33 -1.46 14.73 -42.36
CA THR D 33 -0.95 14.38 -43.72
C THR D 33 -1.24 15.53 -44.69
N HIS D 34 -0.17 16.09 -45.28
CA HIS D 34 -0.17 17.04 -46.43
C HIS D 34 0.88 16.59 -47.45
N PRO D 35 0.58 16.66 -48.77
CA PRO D 35 1.58 16.35 -49.80
C PRO D 35 2.84 17.23 -49.70
N GLY D 36 4.01 16.59 -49.58
CA GLY D 36 5.34 17.22 -49.48
C GLY D 36 6.12 17.09 -50.78
N GLY D 37 7.46 17.08 -50.67
CA GLY D 37 8.39 16.89 -51.81
C GLY D 37 8.69 18.17 -52.61
N LYS D 38 9.95 18.57 -52.66
CA LYS D 38 10.38 19.79 -53.40
C LYS D 38 9.77 19.76 -54.81
N GLY D 39 9.77 18.57 -55.46
CA GLY D 39 9.33 18.37 -56.84
C GLY D 39 7.88 18.74 -57.03
N ALA D 40 7.02 18.14 -56.19
CA ALA D 40 5.54 18.30 -56.22
C ALA D 40 5.18 19.75 -55.88
N ASN D 41 5.70 20.25 -54.75
CA ASN D 41 5.60 21.68 -54.35
C ASN D 41 5.83 22.54 -55.59
N GLN D 42 6.92 22.26 -56.30
CA GLN D 42 7.35 23.07 -57.48
C GLN D 42 6.27 23.01 -58.58
N ALA D 43 5.78 21.82 -58.93
CA ALA D 43 4.74 21.70 -59.97
C ALA D 43 3.51 22.53 -59.54
N VAL D 44 2.99 22.27 -58.35
CA VAL D 44 1.78 22.99 -57.83
C VAL D 44 2.02 24.50 -57.95
N ALA D 45 3.16 24.97 -57.44
CA ALA D 45 3.53 26.40 -57.39
C ALA D 45 3.41 26.96 -58.81
N ILE D 46 3.89 26.18 -59.78
CA ILE D 46 3.92 26.55 -61.22
C ILE D 46 2.49 26.60 -61.75
N ALA D 47 1.65 25.61 -61.45
CA ALA D 47 0.24 25.60 -61.92
C ALA D 47 -0.48 26.79 -61.30
N ARG D 48 -0.54 26.82 -59.95
CA ARG D 48 -0.98 27.97 -59.13
C ARG D 48 -0.58 29.27 -59.85
N LEU D 49 0.65 29.31 -60.38
CA LEU D 49 1.22 30.54 -60.99
C LEU D 49 0.75 30.68 -62.44
N GLY D 50 -0.07 29.73 -62.92
CA GLY D 50 -0.89 29.86 -64.13
C GLY D 50 -0.26 29.17 -65.34
N GLY D 51 0.52 28.11 -65.12
CA GLY D 51 1.49 27.59 -66.10
C GLY D 51 1.36 26.09 -66.31
N LYS D 52 1.55 25.67 -67.57
CA LYS D 52 1.48 24.23 -67.98
C LYS D 52 2.77 23.59 -67.46
N VAL D 53 2.63 22.53 -66.66
CA VAL D 53 3.77 21.76 -66.07
C VAL D 53 3.34 20.31 -65.99
N ARG D 54 4.32 19.41 -65.97
CA ARG D 54 4.15 17.94 -65.83
C ARG D 54 5.18 17.45 -64.83
N MET D 55 4.75 16.60 -63.90
CA MET D 55 5.65 15.89 -62.95
C MET D 55 6.16 14.63 -63.66
N LEU D 56 7.49 14.49 -63.73
CA LEU D 56 8.18 13.19 -63.90
C LEU D 56 8.70 12.77 -62.54
N GLY D 57 8.05 11.76 -61.99
CA GLY D 57 8.63 10.93 -60.93
C GLY D 57 7.80 9.67 -60.73
N ARG D 58 7.68 9.28 -59.48
CA ARG D 58 7.17 7.94 -59.13
C ARG D 58 6.56 8.03 -57.72
N VAL D 59 5.27 7.66 -57.65
CA VAL D 59 4.45 7.51 -56.41
C VAL D 59 4.40 6.01 -56.08
N GLY D 60 4.00 5.63 -54.86
CA GLY D 60 3.84 4.22 -54.40
C GLY D 60 2.50 3.61 -54.80
N GLU D 61 2.26 2.35 -54.41
CA GLU D 61 0.95 1.65 -54.57
C GLU D 61 0.25 1.53 -53.21
N ASP D 62 0.69 2.31 -52.21
CA ASP D 62 0.01 2.46 -50.89
C ASP D 62 -1.14 3.44 -51.13
N PRO D 63 -2.04 3.68 -50.14
CA PRO D 63 -3.04 4.74 -50.21
C PRO D 63 -2.53 6.11 -50.68
N PHE D 64 -1.42 6.62 -50.12
CA PHE D 64 -0.87 7.99 -50.35
C PHE D 64 -0.41 8.16 -51.81
N GLY D 65 0.12 7.10 -52.44
CA GLY D 65 0.29 7.02 -53.90
C GLY D 65 -0.74 7.84 -54.67
N GLN D 66 -2.03 7.49 -54.56
CA GLN D 66 -3.15 8.12 -55.33
C GLN D 66 -3.41 9.56 -54.86
N ALA D 67 -3.19 9.90 -53.59
CA ALA D 67 -3.34 11.28 -53.07
C ALA D 67 -2.28 12.19 -53.70
N LEU D 68 -0.98 11.89 -53.53
CA LEU D 68 0.11 12.58 -54.28
C LEU D 68 -0.42 12.83 -55.71
N LYS D 69 -0.73 11.75 -56.42
CA LYS D 69 -1.17 11.74 -57.85
C LYS D 69 -2.37 12.69 -58.03
N SER D 70 -3.47 12.42 -57.32
CA SER D 70 -4.75 13.16 -57.40
C SER D 70 -4.49 14.65 -57.25
N GLY D 71 -4.15 15.08 -56.02
CA GLY D 71 -3.99 16.49 -55.64
C GLY D 71 -3.19 17.24 -56.69
N LEU D 72 -2.15 16.61 -57.23
CA LEU D 72 -1.26 17.22 -58.25
C LEU D 72 -2.09 17.57 -59.50
N ALA D 73 -2.98 16.67 -59.95
CA ALA D 73 -3.86 16.88 -61.13
C ALA D 73 -4.97 17.91 -60.84
N GLN D 74 -5.53 17.96 -59.62
CA GLN D 74 -6.61 18.91 -59.22
C GLN D 74 -6.11 20.35 -59.39
N GLU D 75 -4.80 20.55 -59.20
CA GLU D 75 -4.06 21.83 -59.38
C GLU D 75 -3.98 22.20 -60.88
N GLY D 76 -4.23 21.22 -61.77
CA GLY D 76 -4.23 21.37 -63.24
C GLY D 76 -2.90 21.01 -63.89
N VAL D 77 -2.19 20.01 -63.33
CA VAL D 77 -0.82 19.55 -63.73
C VAL D 77 -0.93 18.14 -64.32
N ASP D 78 -0.40 17.93 -65.53
CA ASP D 78 -0.42 16.62 -66.25
C ASP D 78 0.44 15.60 -65.49
N VAL D 79 -0.15 14.50 -65.02
CA VAL D 79 0.51 13.50 -64.14
C VAL D 79 0.77 12.20 -64.92
N ALA D 80 0.48 12.19 -66.23
CA ALA D 80 0.60 11.02 -67.14
C ALA D 80 1.94 10.28 -66.92
N TRP D 81 2.96 10.96 -66.41
CA TRP D 81 4.39 10.53 -66.27
C TRP D 81 4.71 10.07 -64.85
N VAL D 82 3.70 10.13 -63.98
CA VAL D 82 3.78 9.83 -62.51
C VAL D 82 3.65 8.30 -62.37
N LEU D 83 4.80 7.60 -62.46
CA LEU D 83 4.88 6.12 -62.64
C LEU D 83 4.82 5.42 -61.28
N GLU D 84 3.85 4.51 -61.10
CA GLU D 84 3.53 3.86 -59.80
C GLU D 84 4.54 2.74 -59.53
N THR D 85 4.89 2.56 -58.24
CA THR D 85 5.91 1.59 -57.73
C THR D 85 5.30 0.87 -56.52
N PRO D 86 5.69 -0.40 -56.23
CA PRO D 86 5.41 -1.01 -54.92
C PRO D 86 6.04 -0.25 -53.72
N GLY D 87 5.92 -0.84 -52.52
CA GLY D 87 6.28 -0.21 -51.25
C GLY D 87 5.49 1.08 -51.01
N PRO D 88 5.82 1.90 -49.98
CA PRO D 88 5.13 3.17 -49.77
C PRO D 88 5.56 4.17 -50.86
N SER D 89 4.87 5.31 -50.91
CA SER D 89 5.31 6.51 -51.65
C SER D 89 6.57 7.05 -50.96
N GLY D 90 6.86 8.36 -51.09
CA GLY D 90 7.82 9.05 -50.21
C GLY D 90 7.11 9.62 -48.99
N THR D 91 7.79 9.73 -47.84
CA THR D 91 7.17 10.17 -46.56
C THR D 91 8.17 11.05 -45.80
N GLY D 92 7.71 12.21 -45.30
CA GLY D 92 8.54 13.12 -44.51
C GLY D 92 8.09 13.26 -43.05
N PHE D 93 9.08 13.21 -42.13
CA PHE D 93 8.93 13.21 -40.65
C PHE D 93 9.21 14.61 -40.08
N ILE D 94 8.17 15.46 -40.08
CA ILE D 94 8.23 16.92 -39.73
C ILE D 94 7.83 17.14 -38.25
N LEU D 95 8.78 17.63 -37.43
CA LEU D 95 8.56 18.18 -36.07
C LEU D 95 8.61 19.72 -36.10
N VAL D 96 7.47 20.39 -35.90
CA VAL D 96 7.33 21.89 -35.84
C VAL D 96 7.10 22.30 -34.37
N ASP D 97 7.96 23.18 -33.82
CA ASP D 97 7.73 23.87 -32.52
C ASP D 97 6.78 25.05 -32.79
N PRO D 98 6.11 25.62 -31.76
CA PRO D 98 5.04 26.60 -31.99
C PRO D 98 5.52 27.89 -32.70
N GLU D 99 6.85 28.08 -32.81
CA GLU D 99 7.51 29.24 -33.47
C GLU D 99 7.75 29.01 -34.98
N GLY D 100 7.82 27.75 -35.44
CA GLY D 100 8.16 27.43 -36.84
C GLY D 100 9.55 26.81 -36.97
N GLN D 101 10.41 26.96 -35.96
CA GLN D 101 11.64 26.11 -35.83
C GLN D 101 11.15 24.65 -35.96
N ASN D 102 11.43 24.01 -37.09
CA ASN D 102 11.00 22.61 -37.38
C ASN D 102 12.21 21.74 -37.73
N GLN D 103 11.96 20.43 -37.83
CA GLN D 103 12.97 19.36 -38.06
C GLN D 103 12.40 18.36 -39.06
N ILE D 104 12.88 18.39 -40.30
CA ILE D 104 12.33 17.53 -41.36
C ILE D 104 13.33 16.41 -41.66
N ALA D 105 12.81 15.18 -41.81
CA ALA D 105 13.51 14.01 -42.38
C ALA D 105 12.56 13.32 -43.38
N VAL D 106 13.13 12.80 -44.47
CA VAL D 106 12.37 12.25 -45.64
C VAL D 106 12.79 10.80 -45.83
N ALA D 107 11.82 9.88 -45.73
CA ALA D 107 11.92 8.49 -46.26
C ALA D 107 11.63 8.53 -47.75
N PRO D 108 12.66 8.29 -48.62
CA PRO D 108 12.48 8.41 -50.06
C PRO D 108 11.39 7.49 -50.59
N GLY D 109 11.35 6.23 -50.11
CA GLY D 109 10.64 5.11 -50.76
C GLY D 109 10.68 5.22 -52.28
N ALA D 110 9.51 5.47 -52.88
CA ALA D 110 9.19 5.48 -54.34
C ALA D 110 9.99 6.55 -55.10
N ASN D 111 10.46 7.60 -54.41
CA ASN D 111 11.33 8.66 -54.99
C ASN D 111 12.70 8.05 -55.32
N ALA D 112 13.28 7.21 -54.44
CA ALA D 112 14.66 6.67 -54.60
C ALA D 112 14.68 5.41 -55.50
N ARG D 113 13.57 5.06 -56.17
CA ARG D 113 13.45 3.98 -57.21
C ARG D 113 13.14 4.56 -58.61
N LEU D 114 12.97 5.88 -58.73
CA LEU D 114 12.91 6.65 -60.02
C LEU D 114 14.31 6.73 -60.63
N VAL D 115 14.60 5.79 -61.57
CA VAL D 115 15.95 5.31 -62.00
C VAL D 115 16.38 6.02 -63.28
N PRO D 116 17.70 6.06 -63.63
CA PRO D 116 18.16 6.70 -64.86
C PRO D 116 17.47 6.24 -66.16
N GLU D 117 16.80 5.06 -66.15
CA GLU D 117 16.15 4.44 -67.33
C GLU D 117 14.64 4.68 -67.28
N ASP D 118 14.12 5.12 -66.12
CA ASP D 118 12.70 5.53 -65.98
C ASP D 118 12.48 6.75 -66.87
N LEU D 119 13.49 7.61 -66.98
CA LEU D 119 13.42 8.87 -67.75
C LEU D 119 13.24 8.52 -69.22
N PRO D 120 12.02 8.68 -69.79
CA PRO D 120 11.76 8.44 -71.20
C PRO D 120 11.64 9.74 -72.03
N ALA D 121 12.32 9.77 -73.18
CA ALA D 121 12.41 10.93 -74.09
C ALA D 121 11.14 11.79 -74.02
N THR D 122 9.94 11.18 -74.11
CA THR D 122 8.64 11.87 -74.36
C THR D 122 8.17 12.67 -73.13
N ALA D 123 8.70 12.39 -71.94
CA ALA D 123 8.56 13.29 -70.77
C ALA D 123 9.16 14.67 -71.10
N PHE D 124 10.30 14.68 -71.80
CA PHE D 124 11.12 15.88 -72.10
C PHE D 124 10.67 16.60 -73.37
N GLN D 125 9.78 16.00 -74.18
CA GLN D 125 9.41 16.56 -75.53
C GLN D 125 8.51 17.77 -75.36
N GLY D 126 8.82 18.86 -76.08
CA GLY D 126 8.16 20.18 -76.06
C GLY D 126 8.47 20.98 -74.80
N VAL D 127 9.32 20.47 -73.92
CA VAL D 127 9.62 21.07 -72.60
C VAL D 127 10.60 22.24 -72.82
N GLY D 128 10.29 23.41 -72.26
CA GLY D 128 11.16 24.61 -72.26
C GLY D 128 12.16 24.62 -71.10
N VAL D 129 11.83 24.03 -69.95
CA VAL D 129 12.66 24.13 -68.72
C VAL D 129 12.61 22.79 -68.00
N VAL D 130 13.76 22.17 -67.76
CA VAL D 130 13.87 20.97 -66.87
C VAL D 130 14.37 21.49 -65.50
N LEU D 131 13.57 21.27 -64.45
CA LEU D 131 13.80 21.73 -63.04
C LEU D 131 14.24 20.51 -62.23
N LEU D 132 15.46 20.52 -61.71
CA LEU D 132 16.03 19.41 -60.91
C LEU D 132 16.26 19.91 -59.48
N GLN D 133 15.73 19.18 -58.49
CA GLN D 133 16.21 19.11 -57.09
C GLN D 133 16.79 17.70 -56.87
N LEU D 134 17.24 17.39 -55.64
CA LEU D 134 18.07 16.18 -55.33
C LEU D 134 17.34 15.27 -54.34
N GLU D 135 16.00 15.40 -54.27
CA GLU D 135 15.09 14.49 -53.52
C GLU D 135 14.73 13.29 -54.40
N ILE D 136 15.51 13.10 -55.48
CA ILE D 136 15.57 11.89 -56.36
C ILE D 136 17.05 11.52 -56.53
N PRO D 137 17.40 10.30 -56.99
CA PRO D 137 18.81 9.89 -57.11
C PRO D 137 19.66 10.85 -57.96
N LEU D 138 20.98 10.65 -57.93
CA LEU D 138 21.99 11.52 -58.58
C LEU D 138 22.15 11.20 -60.07
N GLU D 139 22.37 9.92 -60.44
CA GLU D 139 22.55 9.55 -61.87
C GLU D 139 21.29 9.92 -62.64
N THR D 140 20.13 9.94 -61.97
CA THR D 140 18.85 10.39 -62.55
C THR D 140 18.88 11.93 -62.77
N VAL D 141 19.86 12.63 -62.18
CA VAL D 141 20.06 14.12 -62.32
C VAL D 141 21.08 14.39 -63.44
N VAL D 142 22.11 13.56 -63.55
CA VAL D 142 23.16 13.67 -64.62
C VAL D 142 22.49 13.32 -65.95
N ARG D 143 21.57 12.34 -65.88
CA ARG D 143 20.82 11.82 -67.04
C ARG D 143 19.68 12.76 -67.40
N ALA D 144 18.97 13.32 -66.44
CA ALA D 144 17.83 14.24 -66.68
C ALA D 144 18.34 15.56 -67.30
N ALA D 145 19.55 16.00 -66.94
CA ALA D 145 20.24 17.15 -67.55
C ALA D 145 20.45 16.84 -69.04
N ALA D 146 21.06 15.69 -69.35
CA ALA D 146 21.47 15.30 -70.72
C ALA D 146 20.25 15.19 -71.63
N LEU D 147 19.13 14.66 -71.14
CA LEU D 147 17.92 14.44 -71.96
C LEU D 147 17.20 15.77 -72.15
N GLY D 148 17.15 16.62 -71.12
CA GLY D 148 16.56 17.96 -71.28
C GLY D 148 17.33 18.78 -72.30
N ARG D 149 18.63 18.58 -72.35
CA ARG D 149 19.54 19.25 -73.32
C ARG D 149 19.19 18.74 -74.73
N LYS D 150 19.01 17.43 -74.88
CA LYS D 150 18.67 16.77 -76.18
C LYS D 150 17.30 17.25 -76.69
N ALA D 151 16.38 17.61 -75.79
CA ALA D 151 15.03 18.09 -76.14
C ALA D 151 15.03 19.62 -76.30
N GLY D 152 16.16 20.28 -76.13
CA GLY D 152 16.23 21.75 -76.22
C GLY D 152 15.52 22.49 -75.09
N ALA D 153 15.58 21.96 -73.86
CA ALA D 153 15.17 22.66 -72.62
C ALA D 153 16.38 23.31 -71.93
N ARG D 154 16.11 24.45 -71.29
CA ARG D 154 16.99 25.10 -70.29
C ARG D 154 17.02 24.20 -69.05
N ILE D 155 18.20 23.81 -68.55
CA ILE D 155 18.33 23.01 -67.30
C ILE D 155 18.52 23.96 -66.13
N LEU D 156 17.51 24.04 -65.24
CA LEU D 156 17.54 24.74 -63.93
C LEU D 156 17.77 23.70 -62.81
N LEU D 157 18.94 23.67 -62.18
CA LEU D 157 19.18 22.79 -61.00
C LEU D 157 18.95 23.56 -59.70
N ASN D 158 17.86 23.24 -58.98
CA ASN D 158 17.63 23.65 -57.58
C ASN D 158 18.25 22.58 -56.65
N ALA D 159 19.51 22.77 -56.23
CA ALA D 159 20.30 21.85 -55.37
C ALA D 159 19.91 21.98 -53.88
N ALA D 160 19.01 21.13 -53.36
CA ALA D 160 18.40 21.32 -52.02
C ALA D 160 18.22 20.00 -51.26
N PRO D 161 19.25 19.49 -50.48
CA PRO D 161 20.43 20.23 -50.05
C PRO D 161 21.68 20.11 -50.93
N ALA D 162 22.79 20.76 -50.52
CA ALA D 162 24.08 20.82 -51.24
C ALA D 162 24.89 19.53 -51.04
N HIS D 163 25.69 19.15 -52.05
CA HIS D 163 26.72 18.07 -52.05
C HIS D 163 28.04 18.63 -52.63
N ALA D 164 28.96 17.77 -53.09
CA ALA D 164 30.16 18.15 -53.88
C ALA D 164 29.89 17.81 -55.36
N LEU D 165 29.75 18.84 -56.21
CA LEU D 165 29.43 18.67 -57.66
C LEU D 165 30.71 18.81 -58.47
N PRO D 166 31.12 17.80 -59.28
CA PRO D 166 32.21 18.00 -60.24
C PRO D 166 31.73 18.90 -61.39
N SER D 167 32.61 19.75 -61.93
CA SER D 167 32.31 20.73 -63.02
C SER D 167 31.78 19.99 -64.27
N GLU D 168 31.75 18.66 -64.22
CA GLU D 168 30.91 17.73 -65.04
C GLU D 168 29.45 18.21 -65.03
N ILE D 169 28.90 18.57 -63.86
CA ILE D 169 27.44 18.80 -63.64
C ILE D 169 27.17 20.32 -63.45
N LEU D 170 28.03 21.20 -63.98
CA LEU D 170 27.84 22.68 -63.91
C LEU D 170 28.18 23.35 -65.27
N GLN D 171 28.89 22.66 -66.17
CA GLN D 171 28.96 23.00 -67.61
C GLN D 171 27.77 22.35 -68.35
N SER D 172 26.96 21.56 -67.62
CA SER D 172 25.75 20.84 -68.10
C SER D 172 24.47 21.66 -67.84
N VAL D 173 24.49 22.51 -66.82
CA VAL D 173 23.32 23.23 -66.22
C VAL D 173 23.25 24.65 -66.81
N ASP D 174 22.05 25.16 -67.11
CA ASP D 174 21.87 26.51 -67.70
C ASP D 174 21.66 27.56 -66.60
N LEU D 175 21.32 27.11 -65.37
CA LEU D 175 21.10 27.99 -64.20
C LEU D 175 21.14 27.15 -62.92
N LEU D 176 21.95 27.58 -61.95
CA LEU D 176 22.08 26.97 -60.61
C LEU D 176 21.34 27.83 -59.58
N LEU D 177 20.47 27.21 -58.76
CA LEU D 177 19.56 27.94 -57.85
C LEU D 177 19.66 27.38 -56.43
N VAL D 178 20.21 28.18 -55.51
CA VAL D 178 20.65 27.74 -54.14
C VAL D 178 20.21 28.78 -53.10
N ASN D 179 20.12 28.34 -51.83
CA ASN D 179 19.94 29.20 -50.63
C ASN D 179 21.28 29.29 -49.89
N GLU D 180 21.33 30.05 -48.79
CA GLU D 180 22.54 30.30 -47.96
C GLU D 180 23.25 28.98 -47.64
N VAL D 181 22.52 28.08 -46.95
CA VAL D 181 23.00 26.77 -46.38
C VAL D 181 23.74 25.98 -47.47
N GLU D 182 23.22 25.97 -48.72
CA GLU D 182 23.71 25.15 -49.87
C GLU D 182 24.95 25.80 -50.50
N ALA D 183 24.89 27.11 -50.71
CA ALA D 183 26.01 27.97 -51.19
C ALA D 183 27.23 27.81 -50.27
N ALA D 184 27.02 27.44 -49.00
CA ALA D 184 28.03 27.36 -47.92
C ALA D 184 28.86 26.08 -48.01
N GLN D 185 28.23 24.94 -48.31
CA GLN D 185 28.91 23.61 -48.45
C GLN D 185 29.08 23.25 -49.94
N LEU D 186 29.07 24.25 -50.83
CA LEU D 186 29.38 24.12 -52.29
C LEU D 186 30.63 24.94 -52.62
N THR D 187 31.37 25.36 -51.59
CA THR D 187 32.44 26.39 -51.65
C THR D 187 33.39 26.24 -50.46
N GLU D 188 32.84 26.02 -49.25
CA GLU D 188 33.54 25.76 -47.96
C GLU D 188 34.11 27.06 -47.39
N ALA D 189 33.30 28.14 -47.43
CA ALA D 189 33.59 29.51 -46.92
C ALA D 189 32.46 29.97 -45.99
N SER D 190 32.54 31.22 -45.50
CA SER D 190 31.59 31.82 -44.52
C SER D 190 30.22 32.05 -45.17
N PRO D 191 29.13 31.44 -44.66
CA PRO D 191 27.78 31.73 -45.17
C PRO D 191 27.51 33.23 -45.25
N PRO D 192 26.73 33.67 -46.27
CA PRO D 192 26.64 35.10 -46.59
C PRO D 192 25.78 35.90 -45.59
N ARG D 193 26.41 36.85 -44.90
CA ARG D 193 25.74 37.79 -43.95
C ARG D 193 25.02 38.87 -44.77
N THR D 194 25.76 39.62 -45.60
CA THR D 194 25.26 40.73 -46.46
C THR D 194 24.83 40.20 -47.83
N PRO D 195 24.28 41.05 -48.73
CA PRO D 195 24.24 40.72 -50.16
C PRO D 195 25.63 40.74 -50.81
N GLU D 196 26.63 41.40 -50.17
CA GLU D 196 28.06 41.43 -50.61
C GLU D 196 28.73 40.08 -50.33
N GLU D 197 28.57 39.54 -49.12
CA GLU D 197 29.14 38.21 -48.73
C GLU D 197 28.40 37.08 -49.48
N ALA D 198 27.38 37.42 -50.27
CA ALA D 198 26.64 36.51 -51.19
C ALA D 198 27.13 36.71 -52.63
N LEU D 199 26.98 37.93 -53.18
CA LEU D 199 27.41 38.29 -54.57
C LEU D 199 28.84 37.82 -54.83
N ALA D 200 29.62 37.58 -53.75
CA ALA D 200 30.96 36.95 -53.78
C ALA D 200 30.80 35.44 -53.98
N LEU D 201 30.12 34.76 -53.05
CA LEU D 201 29.82 33.30 -53.11
C LEU D 201 29.19 32.93 -54.46
N ALA D 202 28.59 33.89 -55.17
CA ALA D 202 28.02 33.75 -56.53
C ALA D 202 29.16 33.46 -57.53
N ARG D 203 30.11 34.39 -57.66
CA ARG D 203 31.29 34.26 -58.57
C ARG D 203 32.14 33.04 -58.17
N GLN D 204 32.07 32.62 -56.90
CA GLN D 204 32.80 31.43 -56.37
C GLN D 204 32.09 30.15 -56.84
N LEU D 205 30.85 30.25 -57.35
CA LEU D 205 30.17 29.16 -58.10
C LEU D 205 30.30 29.43 -59.61
N ARG D 206 29.84 30.59 -60.09
CA ARG D 206 29.96 31.01 -61.53
C ARG D 206 31.38 30.68 -62.01
N GLY D 207 32.35 30.70 -61.09
CA GLY D 207 33.74 30.23 -61.28
C GLY D 207 33.80 28.80 -61.84
N ARG D 208 33.17 27.85 -61.14
CA ARG D 208 33.07 26.43 -61.55
C ARG D 208 32.27 26.26 -62.86
N ALA D 209 31.25 27.10 -63.10
CA ALA D 209 30.14 26.82 -64.05
C ALA D 209 30.02 27.92 -65.10
N PRO D 210 31.06 28.14 -65.94
CA PRO D 210 31.09 29.26 -66.88
C PRO D 210 29.74 29.81 -67.38
N GLN D 211 29.05 29.11 -68.30
CA GLN D 211 27.84 29.61 -69.01
C GLN D 211 26.57 29.20 -68.24
N ALA D 212 26.66 28.99 -66.92
CA ALA D 212 25.52 28.74 -66.00
C ALA D 212 25.26 29.98 -65.14
N GLN D 213 24.21 30.75 -65.44
CA GLN D 213 23.86 31.95 -64.65
C GLN D 213 23.41 31.48 -63.27
N VAL D 214 24.06 31.97 -62.21
CA VAL D 214 23.99 31.47 -60.80
C VAL D 214 23.03 32.36 -60.02
N VAL D 215 22.12 31.75 -59.26
CA VAL D 215 21.12 32.49 -58.45
C VAL D 215 21.24 31.98 -57.02
N LEU D 216 21.31 32.92 -56.07
CA LEU D 216 21.56 32.68 -54.62
C LEU D 216 20.48 33.39 -53.80
N THR D 217 19.74 32.62 -52.99
CA THR D 217 18.47 32.97 -52.31
C THR D 217 18.79 33.32 -50.84
N LEU D 218 18.45 34.54 -50.37
CA LEU D 218 18.94 35.08 -49.07
C LEU D 218 17.90 34.98 -47.95
N GLY D 219 16.60 34.94 -48.27
CA GLY D 219 15.55 35.09 -47.25
C GLY D 219 15.57 36.53 -46.76
N ALA D 220 14.43 37.07 -46.33
CA ALA D 220 14.28 38.48 -45.86
C ALA D 220 14.95 39.49 -46.81
N GLN D 221 16.12 39.15 -47.38
CA GLN D 221 17.00 40.02 -48.21
C GLN D 221 16.87 39.70 -49.71
N GLY D 222 16.23 38.58 -50.08
CA GLY D 222 15.84 38.29 -51.47
C GLY D 222 16.75 37.27 -52.16
N ALA D 223 17.60 37.72 -53.09
CA ALA D 223 18.44 36.87 -53.96
C ALA D 223 19.34 37.70 -54.88
N VAL D 224 20.50 37.16 -55.26
CA VAL D 224 21.52 37.85 -56.11
C VAL D 224 21.77 37.01 -57.37
N TRP D 225 22.07 37.64 -58.52
CA TRP D 225 22.26 36.93 -59.80
C TRP D 225 23.59 37.33 -60.45
N SER D 226 24.51 36.36 -60.55
CA SER D 226 25.91 36.51 -61.03
C SER D 226 26.11 35.72 -62.33
N GLY D 227 25.86 36.34 -63.50
CA GLY D 227 25.87 35.64 -64.81
C GLY D 227 26.27 36.55 -65.94
N THR D 228 25.31 36.93 -66.80
CA THR D 228 25.47 37.99 -67.83
C THR D 228 25.92 39.27 -67.10
N GLU D 229 25.62 39.39 -65.80
CA GLU D 229 26.00 40.52 -64.91
C GLU D 229 26.18 40.04 -63.46
N GLU D 230 26.30 40.98 -62.51
CA GLU D 230 26.22 40.80 -61.03
C GLU D 230 25.12 41.72 -60.47
N SER D 231 24.07 41.16 -59.84
CA SER D 231 22.85 41.91 -59.40
C SER D 231 22.35 41.43 -58.03
N HIS D 232 21.64 42.34 -57.35
CA HIS D 232 20.87 42.09 -56.10
C HIS D 232 19.40 42.45 -56.36
N PHE D 233 18.47 41.57 -55.94
CA PHE D 233 17.00 41.67 -56.15
C PHE D 233 16.32 41.72 -54.79
N PRO D 234 16.13 42.93 -54.23
CA PRO D 234 15.37 43.11 -53.00
C PRO D 234 14.24 42.07 -52.82
N ALA D 235 14.17 41.46 -51.64
CA ALA D 235 13.00 40.71 -51.14
C ALA D 235 11.80 41.64 -51.08
N PHE D 236 10.58 41.10 -51.05
CA PHE D 236 9.37 41.91 -50.76
C PHE D 236 9.16 41.92 -49.25
N PRO D 237 9.04 43.12 -48.63
CA PRO D 237 8.86 43.22 -47.18
C PRO D 237 7.43 42.86 -46.78
N VAL D 238 7.26 41.75 -46.04
CA VAL D 238 5.94 41.16 -45.65
C VAL D 238 6.14 40.27 -44.41
N ARG D 239 5.05 39.89 -43.73
CA ARG D 239 5.12 39.23 -42.39
C ARG D 239 5.52 37.76 -42.56
N ALA D 240 6.78 37.43 -42.21
CA ALA D 240 7.36 36.07 -42.24
C ALA D 240 6.57 35.14 -41.31
N VAL D 241 5.29 34.89 -41.63
CA VAL D 241 4.32 34.05 -40.87
C VAL D 241 4.76 32.57 -40.91
N ASP D 242 5.19 32.05 -42.06
CA ASP D 242 5.62 30.63 -42.29
C ASP D 242 6.63 30.59 -43.45
N THR D 243 7.76 29.89 -43.28
CA THR D 243 8.78 29.69 -44.35
C THR D 243 8.86 28.19 -44.71
N THR D 244 7.70 27.54 -44.91
CA THR D 244 7.57 26.28 -45.68
C THR D 244 7.29 26.70 -47.14
N ALA D 245 8.02 26.06 -48.08
CA ALA D 245 8.24 26.45 -49.50
C ALA D 245 9.28 27.58 -49.57
N ALA D 246 10.53 27.26 -49.18
CA ALA D 246 11.66 28.22 -49.02
C ALA D 246 12.25 28.56 -50.39
N GLY D 247 13.48 28.07 -50.69
CA GLY D 247 14.16 28.23 -52.00
C GLY D 247 13.46 27.43 -53.09
N ASP D 248 12.12 27.36 -53.03
CA ASP D 248 11.26 26.24 -53.46
C ASP D 248 10.05 26.78 -54.22
N ALA D 249 9.25 27.65 -53.59
CA ALA D 249 8.20 28.46 -54.26
C ALA D 249 8.88 29.46 -55.22
N PHE D 250 10.03 30.00 -54.81
CA PHE D 250 11.02 30.76 -55.62
C PHE D 250 11.41 29.92 -56.85
N ALA D 251 11.87 28.69 -56.62
CA ALA D 251 12.40 27.78 -57.66
C ALA D 251 11.33 27.56 -58.71
N GLY D 252 10.19 26.98 -58.33
CA GLY D 252 9.03 26.80 -59.23
C GLY D 252 8.71 28.06 -60.01
N ALA D 253 8.71 29.22 -59.34
CA ALA D 253 8.29 30.50 -59.94
C ALA D 253 9.34 30.97 -60.96
N LEU D 254 10.63 30.90 -60.62
CA LEU D 254 11.75 31.22 -61.53
C LEU D 254 11.63 30.33 -62.77
N ALA D 255 11.56 29.00 -62.57
CA ALA D 255 11.38 28.00 -63.65
C ALA D 255 10.19 28.43 -64.52
N LEU D 256 9.07 28.82 -63.90
CA LEU D 256 7.86 29.18 -64.67
C LEU D 256 8.07 30.54 -65.34
N GLY D 257 8.70 31.47 -64.62
CA GLY D 257 8.97 32.83 -65.11
C GLY D 257 9.83 32.80 -66.37
N LEU D 258 10.85 31.96 -66.42
CA LEU D 258 11.70 31.83 -67.63
C LEU D 258 10.95 31.03 -68.71
N ALA D 259 10.19 29.99 -68.34
CA ALA D 259 9.42 29.19 -69.32
C ALA D 259 8.52 30.13 -70.13
N GLU D 260 7.64 30.87 -69.42
CA GLU D 260 6.63 31.82 -70.00
C GLU D 260 7.30 32.92 -70.82
N GLY D 261 8.63 32.98 -70.81
CA GLY D 261 9.40 33.91 -71.66
C GLY D 261 9.43 35.30 -71.08
N GLN D 262 9.84 35.42 -69.81
CA GLN D 262 10.21 36.70 -69.14
C GLN D 262 11.73 36.77 -69.08
N ASN D 263 12.29 37.99 -69.21
CA ASN D 263 13.73 38.27 -68.97
C ASN D 263 14.08 37.90 -67.52
N MET D 264 15.37 37.82 -67.22
CA MET D 264 15.91 37.20 -65.98
C MET D 264 15.57 38.07 -64.76
N ARG D 265 15.78 39.39 -64.89
CA ARG D 265 15.37 40.50 -63.97
C ARG D 265 13.91 40.36 -63.51
N ALA D 266 12.99 40.07 -64.44
CA ALA D 266 11.54 40.01 -64.16
C ALA D 266 11.19 38.68 -63.47
N ALA D 267 11.77 37.56 -63.93
CA ALA D 267 11.53 36.22 -63.36
C ALA D 267 12.11 36.17 -61.94
N LEU D 268 13.21 36.87 -61.67
CA LEU D 268 13.79 36.96 -60.30
C LEU D 268 12.83 37.76 -59.40
N ARG D 269 12.33 38.90 -59.86
CA ARG D 269 11.36 39.73 -59.08
C ARG D 269 10.03 38.97 -58.95
N PHE D 270 9.69 38.17 -59.95
CA PHE D 270 8.55 37.20 -59.91
C PHE D 270 8.79 36.15 -58.81
N ALA D 271 9.98 35.51 -58.78
CA ALA D 271 10.41 34.47 -57.79
C ALA D 271 10.49 35.05 -56.37
N ASN D 272 10.88 36.32 -56.24
CA ASN D 272 10.94 37.04 -54.95
C ASN D 272 9.52 37.25 -54.44
N ALA D 273 8.65 37.85 -55.26
CA ALA D 273 7.20 38.05 -54.98
C ALA D 273 6.60 36.73 -54.53
N ALA D 274 6.91 35.65 -55.26
CA ALA D 274 6.38 34.28 -55.06
C ALA D 274 6.75 33.77 -53.67
N GLY D 275 8.04 33.68 -53.37
CA GLY D 275 8.57 32.98 -52.18
C GLY D 275 8.55 33.88 -50.95
N ALA D 276 8.14 35.14 -51.11
CA ALA D 276 7.71 36.07 -50.04
C ALA D 276 6.25 35.77 -49.68
N LEU D 277 5.32 35.81 -50.65
CA LEU D 277 3.87 35.61 -50.41
C LEU D 277 3.60 34.17 -49.96
N ALA D 278 4.57 33.27 -50.17
CA ALA D 278 4.62 31.91 -49.59
C ALA D 278 4.62 32.00 -48.05
N THR D 279 5.32 33.00 -47.51
CA THR D 279 5.59 33.14 -46.05
C THR D 279 4.36 33.68 -45.30
N THR D 280 3.50 34.49 -45.93
CA THR D 280 2.31 35.14 -45.30
C THR D 280 1.15 34.14 -45.07
N ARG D 281 1.27 32.87 -45.49
CA ARG D 281 0.24 31.82 -45.24
C ARG D 281 0.86 30.59 -44.60
N PRO D 282 0.17 29.96 -43.61
CA PRO D 282 0.68 28.75 -42.96
C PRO D 282 0.62 27.50 -43.86
N GLY D 283 1.73 26.75 -43.93
CA GLY D 283 1.77 25.39 -44.52
C GLY D 283 2.53 25.31 -45.84
N ALA D 284 2.68 24.08 -46.36
CA ALA D 284 3.50 23.74 -47.55
C ALA D 284 2.79 24.24 -48.81
N GLN D 285 1.77 23.51 -49.28
CA GLN D 285 1.10 23.70 -50.59
C GLN D 285 -0.05 24.70 -50.57
N PRO D 286 -0.84 24.89 -49.47
CA PRO D 286 -1.87 25.94 -49.42
C PRO D 286 -1.33 27.38 -49.40
N SER D 287 -0.04 27.56 -49.09
CA SER D 287 0.67 28.88 -49.00
C SER D 287 1.11 29.36 -50.39
N LEU D 288 1.30 28.42 -51.34
CA LEU D 288 1.97 28.62 -52.65
C LEU D 288 1.06 29.42 -53.59
N PRO D 289 1.40 30.67 -53.90
CA PRO D 289 0.42 31.63 -54.43
C PRO D 289 -0.19 31.30 -55.79
N PHE D 290 -1.44 31.74 -55.98
CA PHE D 290 -2.08 31.90 -57.31
C PHE D 290 -1.49 33.13 -58.01
N ARG D 291 -1.70 33.22 -59.32
CA ARG D 291 -1.17 34.31 -60.20
C ARG D 291 -1.79 35.65 -59.79
N ASP D 292 -3.04 35.61 -59.28
CA ASP D 292 -3.85 36.75 -58.79
C ASP D 292 -3.02 37.69 -57.90
N GLU D 293 -2.44 37.17 -56.80
CA GLU D 293 -1.78 37.95 -55.71
C GLU D 293 -0.42 38.44 -56.20
N VAL D 294 0.36 37.52 -56.76
CA VAL D 294 1.76 37.77 -57.25
C VAL D 294 1.69 38.93 -58.26
N GLU D 295 0.85 38.81 -59.29
CA GLU D 295 0.66 39.84 -60.37
C GLU D 295 0.06 41.13 -59.79
N ALA D 296 -0.71 41.03 -58.69
CA ALA D 296 -1.31 42.17 -57.95
C ALA D 296 -0.27 42.76 -56.99
N LEU D 297 0.51 41.92 -56.30
CA LEU D 297 1.65 42.34 -55.43
C LEU D 297 2.69 43.03 -56.34
N LEU D 298 3.00 42.47 -57.49
CA LEU D 298 4.07 42.99 -58.38
C LEU D 298 3.64 44.30 -59.07
N PHE D 299 2.41 44.78 -58.85
CA PHE D 299 2.04 46.20 -59.14
C PHE D 299 1.70 46.94 -57.83
N GLY D 300 1.31 46.24 -56.75
CA GLY D 300 1.04 46.83 -55.43
C GLY D 300 1.02 45.79 -54.32
PB ADP E . 16.14 6.45 -19.74
O1B ADP E . 16.06 5.80 -21.13
O2B ADP E . 16.79 7.87 -19.74
O3B ADP E . 14.84 6.37 -18.96
PA ADP E . 18.75 5.71 -18.54
O1A ADP E . 19.50 6.19 -19.74
O2A ADP E . 18.82 6.48 -17.24
O3A ADP E . 17.20 5.54 -18.94
O5' ADP E . 19.18 4.19 -18.30
C5' ADP E . 18.30 3.33 -17.58
C4' ADP E . 19.09 2.12 -17.16
O4' ADP E . 19.59 1.44 -18.32
C3' ADP E . 20.33 2.39 -16.31
O3' ADP E . 19.96 2.66 -14.97
C2' ADP E . 21.05 1.07 -16.49
O2' ADP E . 20.44 0.02 -15.76
C1' ADP E . 20.83 0.86 -17.99
N9 ADP E . 21.86 1.51 -18.80
C8 ADP E . 21.66 2.57 -19.62
N7 ADP E . 22.74 2.94 -20.26
C5 ADP E . 23.70 2.02 -19.86
C6 ADP E . 25.06 1.84 -20.21
N6 ADP E . 25.68 2.64 -21.08
N1 ADP E . 25.74 0.83 -19.63
C2 ADP E . 25.09 0.03 -18.79
N3 ADP E . 23.82 0.11 -18.37
C4 ADP E . 23.17 1.13 -18.95
MG MG F . 17.92 -0.71 -27.20
PB ADP G . 1.99 -3.97 15.46
O1B ADP G . 1.68 -5.10 16.41
O2B ADP G . 2.69 -2.85 16.17
O3B ADP G . 0.70 -3.53 14.75
PA ADP G . 4.48 -3.90 13.63
O1A ADP G . 5.16 -4.94 12.80
O2A ADP G . 5.38 -3.37 14.70
O3A ADP G . 3.08 -4.42 14.27
O5' ADP G . 3.98 -2.67 12.65
C5' ADP G . 3.08 -1.61 13.15
C4' ADP G . 3.09 -0.37 12.26
O4' ADP G . 4.32 0.35 12.43
C3' ADP G . 2.97 -0.55 10.75
O3' ADP G . 1.62 -0.55 10.34
C2' ADP G . 3.68 0.69 10.19
O2' ADP G . 2.94 1.87 10.19
C1' ADP G . 4.81 0.84 11.19
N9 ADP G . 5.97 0.08 10.79
C8 ADP G . 6.33 -1.17 11.22
N7 ADP G . 7.43 -1.60 10.70
C5 ADP G . 7.83 -0.59 9.83
C6 ADP G . 8.94 -0.44 8.97
N6 ADP G . 9.88 -1.37 8.81
N1 ADP G . 9.03 0.69 8.24
C2 ADP G . 8.07 1.62 8.40
N3 ADP G . 7.01 1.61 9.20
C4 ADP G . 6.94 0.46 9.88
MG MG H . 10.89 1.41 19.05
PB ADP I . -21.95 -33.29 48.86
O1B ADP I . -22.03 -33.89 47.47
O2B ADP I . -20.75 -32.36 49.01
O3B ADP I . -23.28 -32.67 49.30
PA ADP I . -22.16 -36.06 50.06
O1A ADP I . -20.95 -36.94 50.06
O2A ADP I . -23.30 -36.27 49.12
O3A ADP I . -21.65 -34.54 49.86
O5' ADP I . -22.77 -36.01 51.54
C5' ADP I . -22.00 -35.37 52.60
C4' ADP I . -22.38 -36.01 53.91
O4' ADP I . -23.81 -36.01 54.04
C3' ADP I . -21.98 -37.49 54.04
O3' ADP I . -20.60 -37.67 54.36
C2' ADP I . -22.96 -37.95 55.12
O2' ADP I . -22.50 -37.62 56.41
C1' ADP I . -24.21 -37.17 54.73
N9 ADP I . -25.11 -37.93 53.87
C8 ADP I . -25.32 -37.76 52.52
N7 ADP I . -26.20 -38.60 52.04
C5 ADP I . -26.58 -39.38 53.12
C6 ADP I . -27.48 -40.45 53.24
N6 ADP I . -28.20 -40.92 52.22
N1 ADP I . -27.63 -41.01 54.47
C2 ADP I . -26.92 -40.51 55.49
N3 ADP I . -26.06 -39.49 55.50
C4 ADP I . -25.92 -38.97 54.27
MG MG J . -31.55 -30.68 52.40
PB ADP K . 10.48 38.07 -46.48
O1B ADP K . 9.67 38.21 -47.75
O2B ADP K . 9.68 37.54 -45.32
O3B ADP K . 11.21 39.35 -46.14
PA ADP K . 11.52 35.66 -47.79
O1A ADP K . 11.27 34.43 -46.97
O2A ADP K . 10.58 36.00 -48.89
O3A ADP K . 11.60 36.94 -46.82
O5' ADP K . 13.02 35.57 -48.37
C5' ADP K . 13.48 36.36 -49.51
C4' ADP K . 13.41 35.55 -50.79
O4' ADP K . 14.22 34.35 -50.67
C3' ADP K . 12.02 35.11 -51.20
O3' ADP K . 11.85 35.28 -52.60
C2' ADP K . 11.96 33.68 -50.63
O2' ADP K . 11.12 32.83 -51.39
C1' ADP K . 13.40 33.19 -50.67
N9 ADP K . 13.75 32.30 -49.54
C8 ADP K . 12.84 31.60 -48.80
N7 ADP K . 13.36 30.87 -47.85
C5 ADP K . 14.72 31.09 -47.97
C6 ADP K . 15.82 30.59 -47.23
N6 ADP K . 15.70 29.73 -46.22
N1 ADP K . 17.05 30.99 -47.59
C2 ADP K . 17.16 31.84 -48.62
N3 ADP K . 16.20 32.39 -49.37
C4 ADP K . 14.98 31.96 -49.00
#